data_6VG3
#
_entry.id   6VG3
#
_cell.length_a   95.628
_cell.length_b   119.918
_cell.length_c   166.516
_cell.angle_alpha   90.000
_cell.angle_beta   90.000
_cell.angle_gamma   90.000
#
_symmetry.space_group_name_H-M   'C 2 2 21'
#
loop_
_entity.id
_entity.type
_entity.pdbx_description
1 polymer 'Inactive tyrosine-protein kinase 7'
2 water water
#
_entity_poly.entity_id   1
_entity_poly.type   'polypeptide(L)'
_entity_poly.pdbx_seq_one_letter_code
;SGPAATNKRHSTSDKMHFPRSSLQPITTLGKSEFGEVFLAKAQGLEEGVAETLVLVKSLQSKDEQQQLDFRRELEMFGKL
NHANVVRLLGLCREAEPHYMVLEYVDLGDLKQFLRISKSKDEKLKSQPLSTKQKVALCTQVALGMEHLSNNRFVHKDLAA
RNCLVSAQRQVKVSALGLSKDVYNSEYYHFRQAWVPLRWMSPEAILEGDFSTKSDVWAFGVLMWEVFTHGEMPHGGQADD
EVLADLQAGKARLPQPEGCPSKLYRLMQRCWALSPKDRPSFSEIASALGDSTVDSK
;
_entity_poly.pdbx_strand_id   A,B,C
#
# COMPACT_ATOMS: atom_id res chain seq x y z
N LYS A 15 22.69 30.67 -8.57
CA LYS A 15 23.49 30.27 -7.41
C LYS A 15 24.78 29.53 -7.87
N MET A 16 24.73 28.19 -7.90
CA MET A 16 25.82 27.30 -8.31
C MET A 16 25.34 26.49 -9.52
N HIS A 17 24.72 27.20 -10.51
CA HIS A 17 24.11 26.66 -11.73
C HIS A 17 24.93 25.56 -12.41
N PHE A 18 24.23 24.49 -12.79
CA PHE A 18 24.77 23.35 -13.49
C PHE A 18 23.84 23.06 -14.64
N PRO A 19 24.33 22.79 -15.87
CA PRO A 19 23.39 22.50 -16.97
C PRO A 19 22.79 21.11 -16.81
N ARG A 20 21.44 21.00 -16.80
CA ARG A 20 20.77 19.71 -16.71
C ARG A 20 21.13 18.85 -17.92
N SER A 21 21.48 19.52 -19.06
CA SER A 21 21.90 18.83 -20.28
C SER A 21 23.21 18.02 -20.07
N SER A 22 23.94 18.25 -18.98
CA SER A 22 25.10 17.42 -18.74
C SER A 22 24.79 16.28 -17.75
N LEU A 23 23.49 16.04 -17.45
CA LEU A 23 23.06 14.95 -16.57
C LEU A 23 22.53 13.80 -17.37
N GLN A 24 23.08 12.62 -17.11
CA GLN A 24 22.62 11.38 -17.74
C GLN A 24 22.02 10.51 -16.60
N PRO A 25 20.67 10.43 -16.54
CA PRO A 25 20.03 9.59 -15.51
C PRO A 25 20.49 8.15 -15.64
N ILE A 26 20.77 7.49 -14.51
CA ILE A 26 21.25 6.11 -14.42
C ILE A 26 20.24 5.20 -13.69
N THR A 27 19.77 5.62 -12.51
CA THR A 27 18.83 4.81 -11.70
C THR A 27 17.83 5.71 -10.99
N THR A 28 16.57 5.29 -10.92
CA THR A 28 15.59 6.04 -10.12
C THR A 28 15.70 5.47 -8.69
N LEU A 29 15.91 6.34 -7.69
CA LEU A 29 16.03 5.85 -6.31
C LEU A 29 14.67 5.71 -5.64
N GLY A 30 13.75 6.63 -5.94
CA GLY A 30 12.43 6.65 -5.34
C GLY A 30 11.81 8.02 -5.43
N LYS A 31 10.74 8.24 -4.67
CA LYS A 31 10.01 9.51 -4.69
C LYS A 31 9.90 10.07 -3.32
N SER A 32 10.17 11.36 -3.20
CA SER A 32 10.08 12.10 -1.95
C SER A 32 8.79 12.91 -1.98
N GLU A 33 8.49 13.69 -0.91
CA GLU A 33 7.35 14.61 -0.98
C GLU A 33 7.58 15.76 -2.00
N PHE A 34 8.84 16.08 -2.40
CA PHE A 34 9.17 17.13 -3.41
C PHE A 34 8.95 16.64 -4.84
N GLY A 35 9.45 15.45 -5.10
CA GLY A 35 9.43 14.84 -6.45
C GLY A 35 10.25 13.57 -6.52
N GLU A 36 10.80 13.29 -7.67
CA GLU A 36 11.64 12.12 -7.86
C GLU A 36 13.08 12.33 -7.35
N VAL A 37 13.68 11.24 -6.88
CA VAL A 37 15.09 11.19 -6.44
C VAL A 37 15.74 10.16 -7.35
N PHE A 38 16.78 10.56 -8.08
CA PHE A 38 17.45 9.67 -9.02
C PHE A 38 18.96 9.84 -9.01
N LEU A 39 19.68 8.84 -9.52
CA LEU A 39 21.13 8.90 -9.65
C LEU A 39 21.42 9.24 -11.11
N ALA A 40 22.44 10.05 -11.32
CA ALA A 40 22.85 10.47 -12.66
C ALA A 40 24.38 10.63 -12.79
N LYS A 41 24.88 10.54 -14.04
CA LYS A 41 26.28 10.81 -14.33
C LYS A 41 26.32 12.28 -14.74
N ALA A 42 27.08 13.12 -14.00
CA ALA A 42 27.18 14.56 -14.27
C ALA A 42 28.48 14.86 -15.01
N GLN A 43 28.36 15.20 -16.29
CA GLN A 43 29.55 15.48 -17.10
C GLN A 43 30.17 16.82 -16.76
N GLY A 44 31.50 16.80 -16.59
CA GLY A 44 32.32 17.98 -16.29
C GLY A 44 31.87 18.78 -15.09
N LEU A 45 31.45 18.06 -14.03
CA LEU A 45 30.97 18.65 -12.79
C LEU A 45 32.15 19.11 -11.92
N GLU A 46 33.21 18.28 -11.83
CA GLU A 46 34.42 18.55 -11.04
C GLU A 46 35.63 18.53 -11.97
N GLU A 47 36.50 19.56 -11.86
CA GLU A 47 37.73 19.66 -12.66
C GLU A 47 38.60 18.41 -12.52
N GLY A 48 39.05 17.90 -13.65
CA GLY A 48 39.87 16.70 -13.70
C GLY A 48 39.09 15.46 -14.08
N VAL A 49 37.87 15.30 -13.49
CA VAL A 49 37.03 14.11 -13.72
C VAL A 49 35.99 14.38 -14.84
N ALA A 50 35.82 13.37 -15.72
CA ALA A 50 34.93 13.37 -16.88
C ALA A 50 33.44 13.37 -16.52
N GLU A 51 33.00 12.34 -15.75
CA GLU A 51 31.64 12.07 -15.28
C GLU A 51 31.67 11.71 -13.78
N THR A 52 30.89 12.44 -12.98
CA THR A 52 30.75 12.20 -11.53
C THR A 52 29.32 11.66 -11.28
N LEU A 53 29.21 10.48 -10.60
CA LEU A 53 27.91 9.92 -10.21
C LEU A 53 27.38 10.81 -9.07
N VAL A 54 26.18 11.38 -9.24
CA VAL A 54 25.59 12.34 -8.31
C VAL A 54 24.15 11.93 -7.96
N LEU A 55 23.61 12.47 -6.89
CA LEU A 55 22.21 12.22 -6.56
C LEU A 55 21.42 13.47 -6.93
N VAL A 56 20.31 13.28 -7.64
CA VAL A 56 19.46 14.39 -8.06
C VAL A 56 18.10 14.34 -7.36
N LYS A 57 17.68 15.48 -6.78
CA LYS A 57 16.34 15.65 -6.22
C LYS A 57 15.58 16.65 -7.08
N SER A 58 14.38 16.27 -7.55
CA SER A 58 13.58 17.17 -8.38
C SER A 58 12.45 17.75 -7.57
N LEU A 59 12.00 18.94 -7.93
CA LEU A 59 10.88 19.59 -7.32
C LEU A 59 9.76 19.54 -8.35
N GLN A 60 8.88 18.56 -8.21
CA GLN A 60 7.73 18.36 -9.10
C GLN A 60 6.47 18.92 -8.45
N SER A 61 6.55 19.29 -7.16
CA SER A 61 5.45 19.85 -6.36
C SER A 61 5.54 21.38 -6.40
N LYS A 62 4.44 22.02 -6.81
CA LYS A 62 4.36 23.48 -6.92
C LYS A 62 3.68 24.05 -5.68
N ASP A 63 3.33 23.17 -4.75
CA ASP A 63 2.74 23.45 -3.45
C ASP A 63 3.73 24.32 -2.67
N GLU A 64 3.24 25.35 -1.98
CA GLU A 64 4.01 26.31 -1.20
C GLU A 64 4.96 25.66 -0.17
N GLN A 65 4.44 24.77 0.70
CA GLN A 65 5.23 24.11 1.73
C GLN A 65 6.44 23.32 1.18
N GLN A 66 6.24 22.57 0.08
CA GLN A 66 7.27 21.77 -0.56
C GLN A 66 8.34 22.66 -1.19
N GLN A 67 7.93 23.79 -1.80
CA GLN A 67 8.87 24.74 -2.40
C GLN A 67 9.83 25.28 -1.34
N LEU A 68 9.28 25.65 -0.17
CA LEU A 68 10.06 26.15 0.97
C LEU A 68 11.00 25.10 1.57
N ASP A 69 10.56 23.83 1.65
CA ASP A 69 11.37 22.71 2.17
C ASP A 69 12.54 22.41 1.23
N PHE A 70 12.30 22.41 -0.10
CA PHE A 70 13.34 22.19 -1.12
C PHE A 70 14.39 23.27 -1.01
N ARG A 71 13.95 24.54 -0.81
CA ARG A 71 14.83 25.68 -0.65
C ARG A 71 15.60 25.56 0.65
N ARG A 72 14.92 25.14 1.74
CA ARG A 72 15.55 24.93 3.05
C ARG A 72 16.71 23.94 2.94
N GLU A 73 16.52 22.83 2.19
CA GLU A 73 17.55 21.80 2.02
C GLU A 73 18.76 22.29 1.22
N LEU A 74 18.53 22.96 0.07
CA LEU A 74 19.65 23.43 -0.76
C LEU A 74 20.44 24.54 -0.05
N GLU A 75 19.78 25.35 0.82
CA GLU A 75 20.43 26.40 1.60
C GLU A 75 21.35 25.78 2.67
N MET A 76 20.86 24.71 3.30
CA MET A 76 21.59 23.96 4.31
C MET A 76 22.82 23.30 3.70
N PHE A 77 22.64 22.42 2.68
CA PHE A 77 23.77 21.72 2.06
C PHE A 77 24.75 22.69 1.40
N GLY A 78 24.22 23.80 0.86
CA GLY A 78 25.04 24.83 0.21
C GLY A 78 25.97 25.56 1.17
N LYS A 79 25.49 25.80 2.41
CA LYS A 79 26.22 26.48 3.49
C LYS A 79 27.23 25.56 4.24
N LEU A 80 26.85 24.30 4.51
CA LEU A 80 27.71 23.36 5.22
C LEU A 80 28.91 22.89 4.40
N ASN A 81 30.02 22.57 5.10
CA ASN A 81 31.24 22.06 4.49
C ASN A 81 31.97 21.14 5.49
N HIS A 82 31.69 19.83 5.38
CA HIS A 82 32.23 18.79 6.25
C HIS A 82 32.26 17.45 5.51
N ALA A 83 33.24 16.63 5.84
CA ALA A 83 33.48 15.28 5.32
C ALA A 83 32.30 14.32 5.58
N ASN A 84 31.54 14.55 6.65
CA ASN A 84 30.42 13.70 7.06
C ASN A 84 29.04 14.28 6.75
N VAL A 85 28.99 15.19 5.77
CA VAL A 85 27.76 15.82 5.26
C VAL A 85 27.92 15.87 3.75
N VAL A 86 26.92 15.40 2.97
CA VAL A 86 26.97 15.50 1.50
C VAL A 86 27.05 16.97 1.03
N ARG A 87 27.84 17.23 0.00
CA ARG A 87 27.97 18.57 -0.58
C ARG A 87 26.86 18.80 -1.58
N LEU A 88 26.45 20.04 -1.73
CA LEU A 88 25.56 20.49 -2.79
C LEU A 88 26.52 20.77 -3.96
N LEU A 89 26.42 19.98 -5.01
CA LEU A 89 27.31 20.07 -6.16
C LEU A 89 26.80 20.92 -7.32
N GLY A 90 25.49 21.12 -7.38
CA GLY A 90 24.87 21.90 -8.45
C GLY A 90 23.41 22.20 -8.19
N LEU A 91 22.87 23.17 -8.94
CA LEU A 91 21.47 23.58 -8.91
C LEU A 91 20.99 23.82 -10.31
N CYS A 92 19.84 23.25 -10.65
CA CYS A 92 19.25 23.48 -11.96
C CYS A 92 17.93 24.17 -11.67
N ARG A 93 17.95 25.52 -11.53
CA ARG A 93 16.75 26.33 -11.27
C ARG A 93 16.51 27.37 -12.39
N GLU A 94 17.11 27.11 -13.56
CA GLU A 94 17.00 27.95 -14.77
C GLU A 94 15.72 27.61 -15.52
N ALA A 95 15.21 26.37 -15.35
CA ALA A 95 14.03 25.85 -16.03
C ALA A 95 13.31 24.85 -15.15
N GLU A 96 12.12 24.38 -15.58
CA GLU A 96 11.29 23.42 -14.86
C GLU A 96 11.54 22.00 -15.33
N PRO A 97 11.50 20.98 -14.42
CA PRO A 97 11.40 21.10 -12.96
C PRO A 97 12.77 21.50 -12.39
N HIS A 98 12.81 22.05 -11.19
CA HIS A 98 14.09 22.41 -10.57
C HIS A 98 14.76 21.17 -10.03
N TYR A 99 16.10 21.12 -10.11
CA TYR A 99 16.93 20.05 -9.56
C TYR A 99 17.92 20.56 -8.53
N MET A 100 18.13 19.73 -7.50
CA MET A 100 19.14 19.90 -6.46
C MET A 100 20.13 18.76 -6.76
N VAL A 101 21.40 19.09 -7.00
CA VAL A 101 22.41 18.09 -7.32
C VAL A 101 23.34 17.88 -6.12
N LEU A 102 23.25 16.69 -5.52
CA LEU A 102 23.98 16.34 -4.30
C LEU A 102 25.07 15.32 -4.51
N GLU A 103 26.08 15.36 -3.67
CA GLU A 103 27.17 14.38 -3.64
C GLU A 103 26.56 13.00 -3.28
N TYR A 104 26.97 11.93 -4.00
CA TYR A 104 26.54 10.56 -3.72
C TYR A 104 27.73 9.73 -3.16
N VAL A 105 27.61 8.39 -3.15
CA VAL A 105 28.62 7.44 -2.63
C VAL A 105 28.71 6.27 -3.59
N ASP A 106 29.74 5.41 -3.42
CA ASP A 106 29.93 4.24 -4.28
C ASP A 106 29.08 3.02 -3.86
N LEU A 107 28.38 3.14 -2.74
CA LEU A 107 27.54 2.06 -2.26
C LEU A 107 26.05 2.51 -2.22
N GLY A 108 25.60 3.11 -1.11
CA GLY A 108 24.23 3.56 -0.95
C GLY A 108 23.88 3.98 0.46
N ASP A 109 22.58 3.87 0.83
CA ASP A 109 22.15 4.35 2.13
C ASP A 109 22.67 3.46 3.27
N LEU A 110 22.84 4.05 4.45
CA LEU A 110 23.32 3.37 5.65
C LEU A 110 22.42 2.23 6.11
N LYS A 111 21.08 2.40 6.08
CA LYS A 111 20.15 1.35 6.49
C LYS A 111 20.36 0.09 5.65
N GLN A 112 20.42 0.21 4.32
CA GLN A 112 20.63 -0.93 3.39
C GLN A 112 21.92 -1.65 3.70
N PHE A 113 23.00 -0.89 3.96
CA PHE A 113 24.31 -1.40 4.33
C PHE A 113 24.22 -2.23 5.62
N LEU A 114 23.50 -1.71 6.64
CA LEU A 114 23.33 -2.37 7.93
C LEU A 114 22.63 -3.72 7.78
N ARG A 115 21.55 -3.77 7.00
CA ARG A 115 20.74 -4.97 6.80
C ARG A 115 21.47 -6.07 6.01
N ILE A 116 22.28 -5.69 5.00
CA ILE A 116 23.12 -6.56 4.16
C ILE A 116 24.29 -7.16 4.99
N SER A 117 24.93 -6.37 5.88
CA SER A 117 26.01 -6.75 6.79
C SER A 117 25.61 -7.94 7.68
N LYS A 118 24.34 -7.98 8.16
CA LYS A 118 23.90 -9.09 9.00
C LYS A 118 22.45 -9.49 8.73
N SER A 119 22.25 -10.57 7.98
CA SER A 119 20.91 -11.08 7.72
C SER A 119 20.34 -11.66 9.00
N LYS A 120 19.01 -11.64 9.12
CA LYS A 120 18.26 -12.26 10.24
C LYS A 120 18.37 -13.78 10.08
N ASP A 121 18.67 -14.27 8.86
CA ASP A 121 18.88 -15.69 8.60
C ASP A 121 20.36 -15.95 8.84
N GLU A 122 20.67 -16.66 9.95
CA GLU A 122 22.04 -16.96 10.34
C GLU A 122 22.79 -17.86 9.32
N LYS A 123 22.05 -18.69 8.57
CA LYS A 123 22.63 -19.59 7.56
C LYS A 123 23.21 -18.87 6.33
N LEU A 124 22.71 -17.64 6.00
CA LEU A 124 23.23 -16.88 4.85
C LEU A 124 24.62 -16.33 5.17
N LYS A 125 25.43 -16.02 4.14
CA LYS A 125 26.74 -15.41 4.34
C LYS A 125 26.52 -13.99 4.87
N SER A 126 27.34 -13.58 5.85
CA SER A 126 27.24 -12.26 6.45
C SER A 126 28.61 -11.69 6.77
N GLN A 127 28.67 -10.37 6.94
CA GLN A 127 29.88 -9.68 7.38
C GLN A 127 29.46 -8.76 8.53
N PRO A 128 29.02 -9.31 9.71
CA PRO A 128 28.53 -8.42 10.78
C PRO A 128 29.55 -7.41 11.27
N LEU A 129 29.06 -6.24 11.67
CA LEU A 129 29.92 -5.16 12.15
C LEU A 129 30.33 -5.43 13.57
N SER A 130 31.58 -5.12 13.89
CA SER A 130 32.08 -5.28 15.25
C SER A 130 31.62 -4.02 16.02
N THR A 131 31.70 -4.05 17.36
CA THR A 131 31.32 -2.91 18.21
C THR A 131 32.17 -1.69 17.81
N LYS A 132 33.48 -1.88 17.57
CA LYS A 132 34.39 -0.82 17.13
C LYS A 132 33.90 -0.18 15.80
N GLN A 133 33.48 -1.03 14.86
CA GLN A 133 32.96 -0.61 13.55
C GLN A 133 31.63 0.14 13.67
N LYS A 134 30.76 -0.32 14.58
CA LYS A 134 29.44 0.30 14.86
C LYS A 134 29.68 1.70 15.43
N VAL A 135 30.57 1.81 16.44
CA VAL A 135 30.94 3.11 17.04
C VAL A 135 31.53 4.08 16.00
N ALA A 136 32.38 3.57 15.09
CA ALA A 136 33.00 4.40 14.04
C ALA A 136 31.91 5.00 13.12
N LEU A 137 30.89 4.21 12.74
CA LEU A 137 29.77 4.71 11.94
C LEU A 137 28.96 5.80 12.72
N CYS A 138 28.66 5.57 14.03
CA CYS A 138 27.97 6.52 14.93
C CYS A 138 28.71 7.84 15.10
N THR A 139 30.04 7.76 15.35
CA THR A 139 30.91 8.93 15.51
C THR A 139 30.86 9.81 14.28
N GLN A 140 30.99 9.22 13.08
CA GLN A 140 30.95 10.02 11.83
C GLN A 140 29.65 10.81 11.67
N VAL A 141 28.49 10.19 12.04
CA VAL A 141 27.18 10.86 11.99
C VAL A 141 27.16 11.97 13.04
N ALA A 142 27.65 11.70 14.26
CA ALA A 142 27.68 12.71 15.32
C ALA A 142 28.52 13.92 14.89
N LEU A 143 29.66 13.69 14.17
CA LEU A 143 30.56 14.78 13.69
C LEU A 143 29.85 15.63 12.64
N GLY A 144 29.21 14.97 11.67
CA GLY A 144 28.44 15.64 10.63
C GLY A 144 27.30 16.46 11.22
N MET A 145 26.58 15.89 12.24
CA MET A 145 25.48 16.56 12.96
C MET A 145 25.97 17.70 13.86
N GLU A 146 27.16 17.56 14.47
CA GLU A 146 27.76 18.63 15.30
C GLU A 146 28.04 19.85 14.39
N HIS A 147 28.54 19.63 13.16
CA HIS A 147 28.80 20.69 12.20
C HIS A 147 27.48 21.38 11.81
N LEU A 148 26.48 20.57 11.40
CA LEU A 148 25.14 21.03 11.00
C LEU A 148 24.52 21.92 12.10
N SER A 149 24.57 21.45 13.37
CA SER A 149 24.01 22.16 14.52
C SER A 149 24.87 23.36 14.95
N ASN A 150 26.20 23.32 14.70
CA ASN A 150 27.13 24.43 14.98
C ASN A 150 26.75 25.57 14.03
N ASN A 151 26.28 25.23 12.81
CA ASN A 151 25.84 26.19 11.82
C ASN A 151 24.36 26.58 11.97
N ARG A 152 23.76 26.31 13.15
CA ARG A 152 22.40 26.65 13.56
C ARG A 152 21.29 26.07 12.65
N PHE A 153 21.51 24.89 12.07
CA PHE A 153 20.51 24.19 11.25
C PHE A 153 19.88 23.04 12.06
N VAL A 154 18.66 22.63 11.66
CA VAL A 154 17.91 21.51 12.24
C VAL A 154 17.62 20.63 11.01
N HIS A 155 18.01 19.35 11.08
CA HIS A 155 17.85 18.42 9.97
C HIS A 155 16.36 18.02 9.83
N LYS A 156 15.72 17.53 10.93
CA LYS A 156 14.29 17.14 11.00
C LYS A 156 13.96 15.73 10.47
N ASP A 157 14.88 15.08 9.76
CA ASP A 157 14.64 13.72 9.25
C ASP A 157 15.90 12.84 9.28
N LEU A 158 16.63 12.90 10.40
CA LEU A 158 17.83 12.10 10.61
C LEU A 158 17.40 10.67 10.88
N ALA A 159 17.97 9.74 10.13
CA ALA A 159 17.72 8.30 10.22
C ALA A 159 18.73 7.63 9.30
N ALA A 160 18.99 6.32 9.52
CA ALA A 160 19.95 5.55 8.72
C ALA A 160 19.61 5.56 7.23
N ARG A 161 18.30 5.58 6.86
CA ARG A 161 17.87 5.64 5.45
C ARG A 161 18.37 6.94 4.79
N ASN A 162 18.53 8.00 5.59
CA ASN A 162 18.95 9.29 5.06
C ASN A 162 20.46 9.56 5.20
N CYS A 163 21.24 8.58 5.62
CA CYS A 163 22.68 8.69 5.65
C CYS A 163 23.24 7.83 4.53
N LEU A 164 24.38 8.21 3.97
CA LEU A 164 24.97 7.44 2.90
C LEU A 164 26.30 6.83 3.38
N VAL A 165 26.64 5.68 2.84
CA VAL A 165 27.88 5.02 3.21
C VAL A 165 28.64 4.52 1.95
N SER A 166 29.96 4.64 1.96
CA SER A 166 30.82 4.10 0.91
C SER A 166 31.13 2.60 1.20
N ALA A 167 31.85 1.90 0.29
CA ALA A 167 32.24 0.49 0.45
C ALA A 167 33.25 0.29 1.60
N GLN A 168 33.96 1.35 1.98
CA GLN A 168 34.91 1.33 3.09
C GLN A 168 34.37 2.00 4.39
N ARG A 169 33.04 2.07 4.51
CA ARG A 169 32.32 2.58 5.69
C ARG A 169 32.62 4.07 6.08
N GLN A 170 32.74 4.94 5.09
CA GLN A 170 32.82 6.39 5.28
C GLN A 170 31.32 6.84 5.17
N VAL A 171 30.83 7.62 6.16
CA VAL A 171 29.43 8.04 6.27
C VAL A 171 29.19 9.52 6.00
N LYS A 172 28.13 9.84 5.25
CA LYS A 172 27.71 11.23 5.03
C LYS A 172 26.23 11.37 5.32
N VAL A 173 25.87 12.39 6.11
CA VAL A 173 24.50 12.78 6.43
C VAL A 173 23.94 13.35 5.10
N SER A 174 22.76 12.87 4.68
CA SER A 174 22.09 13.36 3.49
C SER A 174 20.62 13.65 3.83
N ALA A 175 19.74 13.75 2.80
CA ALA A 175 18.32 14.00 2.95
C ALA A 175 17.67 13.42 1.69
N LEU A 176 17.25 12.17 1.75
CA LEU A 176 16.64 11.50 0.59
C LEU A 176 15.13 11.58 0.74
N GLY A 177 14.62 11.22 1.90
CA GLY A 177 13.20 11.28 2.21
C GLY A 177 12.32 10.50 1.26
N LEU A 178 12.67 9.23 0.96
CA LEU A 178 11.90 8.38 0.02
C LEU A 178 10.65 7.82 0.70
N SER A 179 9.81 8.72 1.17
CA SER A 179 8.59 8.42 1.93
C SER A 179 7.44 7.86 1.09
N LYS A 180 7.44 8.08 -0.24
CA LYS A 180 6.32 7.61 -1.04
C LYS A 180 6.40 6.13 -1.42
N ASP A 181 7.60 5.61 -1.57
CA ASP A 181 7.77 4.23 -2.02
C ASP A 181 8.77 3.42 -1.20
N VAL A 182 10.09 3.57 -1.47
CA VAL A 182 11.15 2.77 -0.84
C VAL A 182 11.02 2.69 0.67
N TYR A 183 10.88 3.86 1.33
CA TYR A 183 10.78 3.91 2.78
C TYR A 183 9.43 4.37 3.27
N ASN A 184 8.36 4.00 2.56
CA ASN A 184 7.00 4.36 2.96
C ASN A 184 6.64 3.81 4.34
N SER A 185 7.20 2.63 4.72
CA SER A 185 6.94 2.02 6.05
C SER A 185 7.56 2.84 7.20
N GLU A 186 8.43 3.85 6.91
CA GLU A 186 9.07 4.62 7.99
C GLU A 186 8.45 6.00 8.19
N TYR A 187 7.40 6.29 7.41
CA TYR A 187 6.67 7.54 7.48
C TYR A 187 5.22 7.27 7.79
N TYR A 188 4.62 8.17 8.57
CA TYR A 188 3.28 8.02 9.12
C TYR A 188 2.40 9.21 8.79
N HIS A 189 1.17 8.94 8.31
CA HIS A 189 0.19 9.98 7.95
C HIS A 189 -0.38 10.54 9.26
N PHE A 190 -0.03 11.79 9.55
CA PHE A 190 -0.40 12.43 10.80
C PHE A 190 -0.58 13.91 10.59
N ARG A 191 -1.77 14.43 11.00
CA ARG A 191 -2.13 15.85 10.86
C ARG A 191 -1.80 16.42 9.48
N GLN A 192 -2.25 15.73 8.42
CA GLN A 192 -2.13 16.13 7.01
C GLN A 192 -0.65 16.23 6.50
N ALA A 193 0.26 15.41 7.07
CA ALA A 193 1.66 15.34 6.62
C ALA A 193 2.21 13.92 6.85
N TRP A 194 3.27 13.56 6.13
CA TRP A 194 3.92 12.25 6.25
C TRP A 194 5.17 12.47 7.09
N VAL A 195 5.11 12.03 8.35
CA VAL A 195 6.18 12.31 9.31
C VAL A 195 6.99 11.05 9.67
N PRO A 196 8.31 11.22 9.97
CA PRO A 196 9.13 10.05 10.37
C PRO A 196 8.89 9.66 11.84
N LEU A 197 7.66 9.23 12.15
CA LEU A 197 7.17 8.88 13.49
C LEU A 197 8.18 8.22 14.46
N ARG A 198 8.74 7.04 14.08
CA ARG A 198 9.60 6.26 14.97
C ARG A 198 10.94 6.93 15.30
N TRP A 199 11.24 8.08 14.68
CA TRP A 199 12.49 8.81 14.94
C TRP A 199 12.22 10.16 15.64
N MET A 200 10.94 10.47 15.92
CA MET A 200 10.56 11.78 16.47
C MET A 200 10.42 11.85 17.96
N SER A 201 10.90 12.94 18.52
CA SER A 201 10.74 13.23 19.94
C SER A 201 9.27 13.64 20.18
N PRO A 202 8.72 13.55 21.41
CA PRO A 202 7.31 13.93 21.61
C PRO A 202 6.99 15.38 21.22
N GLU A 203 7.89 16.33 21.52
CA GLU A 203 7.63 17.74 21.19
C GLU A 203 7.64 18.02 19.68
N ALA A 204 8.46 17.27 18.91
CA ALA A 204 8.55 17.47 17.49
C ALA A 204 7.29 17.00 16.77
N ILE A 205 6.76 15.83 17.12
CA ILE A 205 5.57 15.33 16.43
C ILE A 205 4.26 15.94 16.99
N LEU A 206 4.14 16.07 18.32
CA LEU A 206 2.94 16.55 19.01
C LEU A 206 2.78 18.07 19.10
N GLU A 207 3.86 18.84 18.92
CA GLU A 207 3.81 20.30 18.99
C GLU A 207 4.47 20.95 17.77
N GLY A 208 5.08 20.15 16.89
CA GLY A 208 5.78 20.67 15.72
C GLY A 208 7.04 21.44 16.10
N ASP A 209 7.49 21.30 17.37
CA ASP A 209 8.68 21.99 17.87
C ASP A 209 9.98 21.22 17.54
N PHE A 210 10.66 21.64 16.46
CA PHE A 210 11.93 21.07 16.01
C PHE A 210 13.10 21.91 16.44
N SER A 211 14.10 21.24 16.98
CA SER A 211 15.32 21.90 17.44
C SER A 211 16.50 20.96 17.28
N THR A 212 17.72 21.42 17.63
CA THR A 212 18.89 20.57 17.56
C THR A 212 18.67 19.36 18.51
N LYS A 213 17.93 19.57 19.59
CA LYS A 213 17.63 18.56 20.59
C LYS A 213 16.62 17.52 20.11
N SER A 214 15.75 17.89 19.13
CA SER A 214 14.84 16.92 18.53
C SER A 214 15.72 16.11 17.55
N ASP A 215 16.75 16.74 16.93
CA ASP A 215 17.73 16.02 16.10
C ASP A 215 18.56 15.06 16.97
N VAL A 216 18.79 15.43 18.26
CA VAL A 216 19.51 14.58 19.22
C VAL A 216 18.74 13.27 19.49
N TRP A 217 17.39 13.35 19.66
CA TRP A 217 16.50 12.18 19.87
C TRP A 217 16.62 11.25 18.65
N ALA A 218 16.46 11.82 17.44
CA ALA A 218 16.60 11.10 16.17
C ALA A 218 17.98 10.41 16.08
N PHE A 219 19.07 11.11 16.50
CA PHE A 219 20.42 10.52 16.52
C PHE A 219 20.47 9.30 17.45
N GLY A 220 19.80 9.38 18.61
CA GLY A 220 19.69 8.25 19.55
C GLY A 220 19.10 7.04 18.85
N VAL A 221 18.03 7.27 18.08
CA VAL A 221 17.36 6.23 17.31
C VAL A 221 18.31 5.67 16.24
N LEU A 222 19.02 6.56 15.53
CA LEU A 222 19.98 6.15 14.50
C LEU A 222 21.06 5.21 15.09
N MET A 223 21.60 5.55 16.26
CA MET A 223 22.59 4.71 16.97
C MET A 223 21.98 3.30 17.19
N TRP A 224 20.69 3.28 17.54
CA TRP A 224 19.94 2.04 17.79
C TRP A 224 19.82 1.24 16.51
N GLU A 225 19.55 1.93 15.39
CA GLU A 225 19.50 1.29 14.08
C GLU A 225 20.87 0.67 13.78
N VAL A 226 21.98 1.37 14.07
CA VAL A 226 23.31 0.80 13.79
C VAL A 226 23.55 -0.46 14.63
N PHE A 227 23.31 -0.35 15.96
CA PHE A 227 23.55 -1.45 16.89
C PHE A 227 22.61 -2.65 16.72
N THR A 228 21.52 -2.52 15.92
CA THR A 228 20.65 -3.66 15.62
C THR A 228 20.82 -4.13 14.17
N HIS A 229 21.82 -3.62 13.46
CA HIS A 229 22.03 -3.89 12.03
C HIS A 229 20.76 -3.54 11.20
N GLY A 230 20.23 -2.35 11.46
CA GLY A 230 19.09 -1.81 10.72
C GLY A 230 17.71 -2.38 10.99
N GLU A 231 17.38 -2.74 12.23
CA GLU A 231 16.03 -3.19 12.55
C GLU A 231 15.11 -1.98 12.64
N MET A 232 13.81 -2.18 12.41
CA MET A 232 12.81 -1.13 12.50
C MET A 232 12.63 -0.72 13.99
N PRO A 233 12.78 0.56 14.38
CA PRO A 233 12.52 0.93 15.79
C PRO A 233 11.06 0.60 16.16
N HIS A 234 10.84 -0.09 17.30
CA HIS A 234 9.49 -0.51 17.72
C HIS A 234 8.82 -1.41 16.66
N GLY A 235 9.60 -2.25 15.98
CA GLY A 235 9.07 -3.16 14.97
C GLY A 235 8.09 -4.10 15.62
N GLY A 236 7.01 -4.44 14.97
CA GLY A 236 6.04 -5.29 15.67
C GLY A 236 4.96 -4.52 16.42
N GLN A 237 5.10 -3.20 16.51
CA GLN A 237 4.09 -2.29 17.01
C GLN A 237 3.68 -1.51 15.79
N ALA A 238 2.37 -1.40 15.58
CA ALA A 238 1.76 -0.63 14.50
C ALA A 238 2.00 0.84 14.81
N ASP A 239 1.99 1.68 13.76
CA ASP A 239 2.15 3.13 13.90
C ASP A 239 1.30 3.75 15.00
N ASP A 240 0.00 3.38 15.05
CA ASP A 240 -0.94 3.92 16.06
C ASP A 240 -0.51 3.63 17.50
N GLU A 241 0.06 2.42 17.77
CA GLU A 241 0.57 2.00 19.09
C GLU A 241 1.78 2.85 19.45
N VAL A 242 2.73 3.01 18.48
CA VAL A 242 3.95 3.83 18.64
C VAL A 242 3.55 5.25 19.04
N LEU A 243 2.60 5.85 18.33
CA LEU A 243 2.16 7.20 18.61
C LEU A 243 1.55 7.30 20.02
N ALA A 244 0.64 6.37 20.39
CA ALA A 244 0.02 6.33 21.71
C ALA A 244 1.07 6.16 22.83
N ASP A 245 2.10 5.31 22.63
CA ASP A 245 3.16 5.11 23.63
C ASP A 245 3.98 6.40 23.77
N LEU A 246 4.26 7.07 22.64
CA LEU A 246 5.02 8.33 22.62
C LEU A 246 4.25 9.44 23.38
N GLN A 247 2.93 9.51 23.18
CA GLN A 247 2.04 10.47 23.86
C GLN A 247 2.03 10.22 25.36
N ALA A 248 2.02 8.94 25.78
CA ALA A 248 1.97 8.54 27.18
C ALA A 248 3.32 8.57 27.90
N GLY A 249 4.41 8.84 27.18
CA GLY A 249 5.77 8.82 27.72
C GLY A 249 6.28 7.41 27.98
N LYS A 250 5.68 6.40 27.32
CA LYS A 250 6.00 4.97 27.44
C LYS A 250 6.91 4.45 26.30
N ALA A 251 7.40 5.36 25.42
CA ALA A 251 8.27 4.98 24.30
C ALA A 251 9.69 4.72 24.81
N ARG A 252 10.10 3.44 24.77
CA ARG A 252 11.40 3.02 25.29
C ARG A 252 12.06 2.00 24.36
N LEU A 253 13.07 2.39 23.55
CA LEU A 253 13.77 1.40 22.71
C LEU A 253 14.62 0.48 23.59
N PRO A 254 14.62 -0.83 23.36
CA PRO A 254 15.41 -1.73 24.23
C PRO A 254 16.89 -1.71 23.90
N GLN A 255 17.70 -2.17 24.87
CA GLN A 255 19.14 -2.26 24.64
C GLN A 255 19.45 -3.38 23.63
N PRO A 256 20.10 -3.07 22.48
CA PRO A 256 20.46 -4.16 21.55
C PRO A 256 21.57 -5.05 22.14
N GLU A 257 21.56 -6.34 21.84
CA GLU A 257 22.62 -7.26 22.29
C GLU A 257 23.90 -6.82 21.54
N GLY A 258 25.00 -6.65 22.26
CA GLY A 258 26.25 -6.21 21.62
C GLY A 258 26.48 -4.73 21.78
N CYS A 259 25.49 -4.02 22.33
CA CYS A 259 25.59 -2.60 22.58
C CYS A 259 26.08 -2.43 24.00
N PRO A 260 27.25 -1.77 24.20
CA PRO A 260 27.79 -1.60 25.56
C PRO A 260 26.86 -0.78 26.45
N SER A 261 26.80 -1.13 27.74
CA SER A 261 25.94 -0.44 28.71
C SER A 261 26.12 1.08 28.64
N LYS A 262 27.38 1.54 28.58
CA LYS A 262 27.75 2.95 28.51
C LYS A 262 27.08 3.67 27.30
N LEU A 263 27.11 3.05 26.13
CA LEU A 263 26.51 3.64 24.93
C LEU A 263 24.96 3.57 24.92
N TYR A 264 24.36 2.57 25.56
CA TYR A 264 22.90 2.52 25.67
C TYR A 264 22.36 3.62 26.62
N ARG A 265 23.12 3.94 27.69
CA ARG A 265 22.71 5.00 28.61
C ARG A 265 22.77 6.35 27.92
N LEU A 266 23.74 6.51 26.99
CA LEU A 266 23.90 7.68 26.15
C LEU A 266 22.68 7.77 25.24
N MET A 267 22.28 6.64 24.62
CA MET A 267 21.06 6.57 23.79
C MET A 267 19.88 7.06 24.63
N GLN A 268 19.78 6.56 25.88
CA GLN A 268 18.72 6.90 26.81
C GLN A 268 18.69 8.37 27.18
N ARG A 269 19.86 9.04 27.28
CA ARG A 269 19.89 10.46 27.58
C ARG A 269 19.43 11.27 26.37
N CYS A 270 19.66 10.76 25.13
CA CYS A 270 19.18 11.36 23.86
C CYS A 270 17.65 11.31 23.85
N TRP A 271 17.06 10.32 24.58
CA TRP A 271 15.62 10.13 24.67
C TRP A 271 15.03 10.77 25.94
N ALA A 272 15.73 11.73 26.53
CA ALA A 272 15.17 12.42 27.70
C ALA A 272 13.88 13.15 27.30
N LEU A 273 12.83 13.09 28.15
CA LEU A 273 11.56 13.78 27.87
C LEU A 273 11.76 15.28 27.64
N SER A 274 12.55 15.94 28.48
CA SER A 274 12.82 17.34 28.25
C SER A 274 13.99 17.48 27.26
N PRO A 275 13.86 18.34 26.22
CA PRO A 275 15.00 18.58 25.31
C PRO A 275 16.20 19.22 26.04
N LYS A 276 15.93 19.91 27.17
CA LYS A 276 16.95 20.56 28.01
C LYS A 276 17.87 19.54 28.72
N ASP A 277 17.42 18.27 28.87
CA ASP A 277 18.20 17.20 29.51
C ASP A 277 18.93 16.26 28.55
N ARG A 278 18.73 16.47 27.24
CA ARG A 278 19.40 15.64 26.23
C ARG A 278 20.79 16.19 26.01
N PRO A 279 21.79 15.34 25.73
CA PRO A 279 23.13 15.88 25.42
C PRO A 279 23.13 16.66 24.10
N SER A 280 24.12 17.53 23.95
CA SER A 280 24.35 18.28 22.72
C SER A 280 25.17 17.36 21.80
N PHE A 281 25.28 17.69 20.51
CA PHE A 281 26.10 16.88 19.60
C PHE A 281 27.58 16.87 19.98
N SER A 282 28.14 18.02 20.48
CA SER A 282 29.55 18.09 20.95
C SER A 282 29.78 17.07 22.10
N GLU A 283 28.83 17.02 23.05
CA GLU A 283 28.88 16.06 24.15
C GLU A 283 28.81 14.62 23.65
N ILE A 284 27.95 14.33 22.64
CA ILE A 284 27.80 12.98 22.06
C ILE A 284 29.09 12.57 21.33
N ALA A 285 29.68 13.50 20.54
CA ALA A 285 30.92 13.26 19.81
C ALA A 285 32.03 12.86 20.82
N SER A 286 32.10 13.56 21.99
CA SER A 286 33.07 13.24 23.04
C SER A 286 32.79 11.88 23.68
N ALA A 287 31.50 11.58 23.98
CA ALA A 287 31.08 10.32 24.62
C ALA A 287 31.46 9.13 23.75
N LEU A 288 31.26 9.26 22.42
CA LEU A 288 31.60 8.25 21.45
C LEU A 288 33.14 8.03 21.35
N GLY A 289 33.92 9.08 21.65
CA GLY A 289 35.38 9.07 21.66
C GLY A 289 36.02 8.29 22.79
N ASP A 290 35.28 8.05 23.91
CA ASP A 290 35.81 7.28 25.06
C ASP A 290 36.00 5.80 24.69
N SER A 291 35.13 5.27 23.80
CA SER A 291 35.05 3.89 23.32
C SER A 291 36.31 3.43 22.59
N LYS B 15 11.83 -29.32 -5.48
CA LYS B 15 12.73 -29.66 -6.58
C LYS B 15 14.19 -29.79 -6.10
N MET B 16 14.96 -28.67 -6.07
CA MET B 16 16.37 -28.66 -5.67
C MET B 16 16.59 -28.62 -4.15
N HIS B 17 17.85 -28.83 -3.75
CA HIS B 17 18.35 -28.82 -2.39
C HIS B 17 19.50 -27.81 -2.36
N PHE B 18 19.26 -26.63 -2.99
CA PHE B 18 20.19 -25.51 -3.11
C PHE B 18 20.74 -25.11 -1.73
N PRO B 19 22.08 -24.91 -1.59
CA PRO B 19 22.63 -24.57 -0.27
C PRO B 19 22.60 -23.07 0.03
N ARG B 20 21.81 -22.68 1.03
CA ARG B 20 21.65 -21.28 1.47
C ARG B 20 22.99 -20.65 1.81
N SER B 21 23.89 -21.43 2.45
CA SER B 21 25.24 -21.02 2.89
C SER B 21 26.14 -20.53 1.74
N SER B 22 25.79 -20.86 0.49
CA SER B 22 26.56 -20.38 -0.66
C SER B 22 26.13 -18.94 -1.06
N LEU B 23 24.97 -18.47 -0.52
CA LEU B 23 24.44 -17.15 -0.89
C LEU B 23 24.96 -16.01 -0.05
N GLN B 24 25.51 -14.99 -0.72
CA GLN B 24 26.00 -13.77 -0.09
C GLN B 24 25.04 -12.64 -0.54
N PRO B 25 24.15 -12.12 0.34
CA PRO B 25 23.25 -11.02 -0.08
C PRO B 25 24.05 -9.77 -0.46
N ILE B 26 23.63 -9.13 -1.54
CA ILE B 26 24.30 -7.95 -2.10
C ILE B 26 23.44 -6.68 -2.01
N THR B 27 22.19 -6.77 -2.45
CA THR B 27 21.28 -5.62 -2.49
C THR B 27 19.89 -6.10 -2.22
N THR B 28 19.13 -5.32 -1.43
CA THR B 28 17.71 -5.60 -1.24
C THR B 28 16.99 -4.91 -2.38
N LEU B 29 16.04 -5.59 -3.00
CA LEU B 29 15.27 -4.96 -4.06
C LEU B 29 13.99 -4.40 -3.50
N GLY B 30 13.34 -5.16 -2.63
CA GLY B 30 12.09 -4.72 -2.06
C GLY B 30 11.40 -5.82 -1.32
N LYS B 31 10.15 -5.57 -0.92
CA LYS B 31 9.31 -6.53 -0.23
C LYS B 31 8.09 -6.81 -1.07
N SER B 32 7.77 -8.10 -1.21
CA SER B 32 6.60 -8.57 -1.93
C SER B 32 5.53 -9.00 -0.90
N GLU B 33 4.42 -9.58 -1.37
CA GLU B 33 3.39 -10.14 -0.49
C GLU B 33 3.98 -11.35 0.29
N PHE B 34 4.91 -12.12 -0.34
CA PHE B 34 5.58 -13.33 0.24
C PHE B 34 6.59 -13.03 1.33
N GLY B 35 7.41 -12.01 1.11
CA GLY B 35 8.51 -11.67 2.00
C GLY B 35 9.46 -10.75 1.28
N GLU B 36 10.76 -10.93 1.50
CA GLU B 36 11.78 -10.07 0.86
C GLU B 36 12.27 -10.56 -0.51
N VAL B 37 12.67 -9.60 -1.33
CA VAL B 37 13.25 -9.87 -2.65
C VAL B 37 14.64 -9.23 -2.65
N PHE B 38 15.68 -10.04 -2.86
CA PHE B 38 17.05 -9.52 -2.83
C PHE B 38 17.98 -10.17 -3.85
N LEU B 39 19.07 -9.49 -4.17
CA LEU B 39 20.10 -9.97 -5.09
C LEU B 39 21.20 -10.57 -4.24
N ALA B 40 21.77 -11.67 -4.71
CA ALA B 40 22.85 -12.34 -4.00
C ALA B 40 23.84 -12.97 -4.98
N LYS B 41 25.08 -13.18 -4.52
CA LYS B 41 26.12 -13.88 -5.29
C LYS B 41 26.11 -15.32 -4.78
N ALA B 42 25.81 -16.26 -5.68
CA ALA B 42 25.71 -17.69 -5.39
C ALA B 42 27.08 -18.32 -5.71
N GLN B 43 27.78 -18.78 -4.65
CA GLN B 43 29.11 -19.37 -4.76
C GLN B 43 29.07 -20.73 -5.44
N GLY B 44 29.87 -20.86 -6.51
CA GLY B 44 30.00 -22.08 -7.30
C GLY B 44 28.72 -22.62 -7.88
N LEU B 45 27.88 -21.74 -8.46
CA LEU B 45 26.63 -22.15 -9.08
C LEU B 45 26.85 -22.55 -10.55
N GLU B 46 27.65 -21.74 -11.28
CA GLU B 46 27.96 -22.01 -12.69
C GLU B 46 29.33 -22.67 -12.80
N GLU B 47 29.45 -23.63 -13.75
CA GLU B 47 30.67 -24.38 -14.06
C GLU B 47 31.71 -23.43 -14.65
N GLY B 48 32.80 -23.24 -13.91
CA GLY B 48 33.90 -22.36 -14.29
C GLY B 48 33.73 -20.90 -13.88
N VAL B 49 32.76 -20.62 -12.98
CA VAL B 49 32.45 -19.29 -12.46
C VAL B 49 32.45 -19.34 -10.92
N ALA B 50 33.28 -18.48 -10.30
CA ALA B 50 33.44 -18.36 -8.85
C ALA B 50 32.13 -18.02 -8.13
N GLU B 51 31.39 -16.99 -8.63
CA GLU B 51 30.13 -16.50 -8.09
C GLU B 51 29.18 -15.97 -9.18
N THR B 52 27.90 -16.37 -9.11
CA THR B 52 26.85 -15.98 -10.05
C THR B 52 25.86 -15.02 -9.34
N LEU B 53 25.51 -13.90 -9.99
CA LEU B 53 24.56 -12.95 -9.42
C LEU B 53 23.18 -13.52 -9.74
N VAL B 54 22.40 -13.77 -8.68
CA VAL B 54 21.07 -14.37 -8.77
C VAL B 54 20.03 -13.50 -8.01
N LEU B 55 18.75 -13.69 -8.34
CA LEU B 55 17.66 -13.03 -7.61
C LEU B 55 17.06 -14.05 -6.63
N VAL B 56 16.82 -13.61 -5.41
CA VAL B 56 16.24 -14.44 -4.34
C VAL B 56 14.90 -13.88 -3.85
N LYS B 57 13.88 -14.76 -3.78
CA LYS B 57 12.56 -14.46 -3.19
C LYS B 57 12.37 -15.32 -1.95
N SER B 58 12.08 -14.68 -0.80
CA SER B 58 11.87 -15.43 0.43
C SER B 58 10.40 -15.53 0.76
N LEU B 59 10.01 -16.65 1.37
CA LEU B 59 8.65 -16.84 1.86
C LEU B 59 8.66 -16.61 3.38
N GLN B 60 8.32 -15.40 3.80
CA GLN B 60 8.27 -15.05 5.23
C GLN B 60 6.84 -15.13 5.76
N SER B 61 5.87 -14.90 4.89
CA SER B 61 4.44 -14.99 5.23
C SER B 61 4.07 -16.44 5.57
N LYS B 62 3.21 -16.62 6.59
CA LYS B 62 2.68 -17.93 7.01
C LYS B 62 1.20 -18.06 6.57
N ASP B 63 0.69 -17.10 5.79
CA ASP B 63 -0.67 -17.12 5.25
C ASP B 63 -0.72 -18.22 4.20
N GLU B 64 -1.78 -19.03 4.23
CA GLU B 64 -1.95 -20.18 3.34
C GLU B 64 -1.98 -19.81 1.86
N GLN B 65 -2.56 -18.65 1.51
CA GLN B 65 -2.61 -18.18 0.13
C GLN B 65 -1.22 -17.76 -0.38
N GLN B 66 -0.40 -17.09 0.47
CA GLN B 66 0.96 -16.67 0.13
C GLN B 66 1.86 -17.87 -0.03
N GLN B 67 1.70 -18.87 0.84
CA GLN B 67 2.45 -20.13 0.74
C GLN B 67 2.13 -20.86 -0.58
N LEU B 68 0.84 -20.87 -0.97
CA LEU B 68 0.39 -21.50 -2.23
C LEU B 68 0.84 -20.70 -3.45
N ASP B 69 0.76 -19.35 -3.42
CA ASP B 69 1.19 -18.52 -4.54
C ASP B 69 2.70 -18.64 -4.77
N PHE B 70 3.47 -18.80 -3.67
CA PHE B 70 4.92 -19.00 -3.71
C PHE B 70 5.24 -20.35 -4.37
N ARG B 71 4.51 -21.40 -3.96
CA ARG B 71 4.63 -22.76 -4.52
C ARG B 71 4.29 -22.76 -6.01
N ARG B 72 3.21 -22.05 -6.41
CA ARG B 72 2.82 -21.97 -7.82
C ARG B 72 3.91 -21.34 -8.69
N GLU B 73 4.54 -20.24 -8.20
CA GLU B 73 5.61 -19.56 -8.93
C GLU B 73 6.82 -20.47 -9.13
N LEU B 74 7.24 -21.19 -8.08
CA LEU B 74 8.39 -22.07 -8.19
C LEU B 74 8.14 -23.27 -9.12
N GLU B 75 6.88 -23.78 -9.14
CA GLU B 75 6.48 -24.88 -10.02
C GLU B 75 6.49 -24.41 -11.48
N MET B 76 6.06 -23.17 -11.73
CA MET B 76 6.07 -22.56 -13.07
C MET B 76 7.49 -22.34 -13.62
N PHE B 77 8.36 -21.61 -12.88
CA PHE B 77 9.73 -21.32 -13.33
C PHE B 77 10.60 -22.60 -13.42
N GLY B 78 10.32 -23.59 -12.55
CA GLY B 78 11.02 -24.88 -12.53
C GLY B 78 10.71 -25.76 -13.73
N LYS B 79 9.48 -25.64 -14.24
CA LYS B 79 8.96 -26.38 -15.39
C LYS B 79 9.44 -25.80 -16.75
N LEU B 80 9.41 -24.46 -16.90
CA LEU B 80 9.76 -23.75 -18.14
C LEU B 80 11.28 -23.67 -18.44
N ASN B 81 11.65 -23.48 -19.71
CA ASN B 81 13.04 -23.39 -20.16
C ASN B 81 12.99 -22.70 -21.51
N HIS B 82 13.16 -21.37 -21.48
CA HIS B 82 13.10 -20.51 -22.66
C HIS B 82 14.00 -19.31 -22.41
N ALA B 83 14.53 -18.75 -23.49
CA ALA B 83 15.43 -17.62 -23.43
C ALA B 83 14.71 -16.38 -22.89
N ASN B 84 13.38 -16.33 -23.05
CA ASN B 84 12.58 -15.17 -22.61
C ASN B 84 11.80 -15.39 -21.28
N VAL B 85 12.24 -16.34 -20.47
CA VAL B 85 11.67 -16.64 -19.14
C VAL B 85 12.85 -16.91 -18.23
N VAL B 86 12.86 -16.30 -17.04
CA VAL B 86 13.94 -16.54 -16.08
C VAL B 86 13.92 -17.99 -15.63
N ARG B 87 15.10 -18.61 -15.58
CA ARG B 87 15.26 -19.99 -15.14
C ARG B 87 15.18 -20.10 -13.64
N LEU B 88 14.61 -21.22 -13.12
CA LEU B 88 14.64 -21.47 -11.68
C LEU B 88 16.03 -22.10 -11.45
N LEU B 89 16.85 -21.46 -10.63
CA LEU B 89 18.20 -21.96 -10.37
C LEU B 89 18.30 -22.82 -9.13
N GLY B 90 17.42 -22.60 -8.18
CA GLY B 90 17.46 -23.36 -6.93
C GLY B 90 16.33 -23.09 -5.99
N LEU B 91 16.15 -23.98 -4.99
CA LEU B 91 15.14 -23.87 -3.94
C LEU B 91 15.75 -24.23 -2.61
N CYS B 92 15.46 -23.43 -1.58
CA CYS B 92 15.89 -23.68 -0.22
C CYS B 92 14.64 -23.85 0.62
N ARG B 93 14.21 -25.10 0.79
CA ARG B 93 12.98 -25.42 1.52
C ARG B 93 13.33 -26.32 2.74
N GLU B 94 14.58 -26.25 3.23
CA GLU B 94 15.04 -27.06 4.36
C GLU B 94 14.97 -26.35 5.71
N ALA B 95 15.06 -25.00 5.72
CA ALA B 95 15.03 -24.18 6.93
C ALA B 95 13.96 -23.07 6.84
N GLU B 96 13.53 -22.56 8.03
CA GLU B 96 12.45 -21.59 8.34
C GLU B 96 12.15 -20.60 7.21
N PRO B 97 13.05 -19.67 6.73
CA PRO B 97 12.65 -18.84 5.57
C PRO B 97 12.92 -19.56 4.25
N HIS B 98 11.87 -20.01 3.54
CA HIS B 98 12.06 -20.70 2.26
C HIS B 98 12.60 -19.72 1.21
N TYR B 99 13.49 -20.18 0.30
CA TYR B 99 14.03 -19.35 -0.78
C TYR B 99 13.80 -19.95 -2.14
N MET B 100 13.45 -19.10 -3.08
CA MET B 100 13.30 -19.37 -4.51
C MET B 100 14.43 -18.57 -5.17
N VAL B 101 15.33 -19.26 -5.86
CA VAL B 101 16.50 -18.67 -6.50
C VAL B 101 16.28 -18.64 -7.97
N LEU B 102 16.14 -17.42 -8.49
CA LEU B 102 15.87 -17.23 -9.89
C LEU B 102 17.04 -16.60 -10.61
N GLU B 103 17.08 -16.82 -11.92
CA GLU B 103 18.06 -16.23 -12.82
C GLU B 103 17.76 -14.69 -12.85
N TYR B 104 18.83 -13.89 -12.80
CA TYR B 104 18.72 -12.44 -12.88
C TYR B 104 19.45 -11.92 -14.12
N VAL B 105 19.22 -10.67 -14.46
CA VAL B 105 19.87 -9.95 -15.57
C VAL B 105 20.37 -8.68 -14.90
N ASP B 106 21.70 -8.45 -14.93
CA ASP B 106 22.35 -7.31 -14.29
C ASP B 106 21.69 -5.93 -14.50
N LEU B 107 21.22 -5.60 -15.72
CA LEU B 107 20.62 -4.28 -15.94
C LEU B 107 19.31 -3.99 -15.14
N GLY B 108 18.54 -5.00 -14.79
CA GLY B 108 17.34 -4.78 -13.98
C GLY B 108 16.03 -4.88 -14.71
N ASP B 109 14.99 -4.29 -14.14
CA ASP B 109 13.65 -4.42 -14.69
C ASP B 109 13.44 -3.52 -15.89
N LEU B 110 12.55 -3.98 -16.79
CA LEU B 110 12.14 -3.32 -18.03
C LEU B 110 11.53 -1.93 -17.78
N LYS B 111 10.71 -1.76 -16.73
CA LYS B 111 10.11 -0.45 -16.47
C LYS B 111 11.20 0.62 -16.24
N GLN B 112 12.18 0.34 -15.36
CA GLN B 112 13.32 1.24 -15.07
C GLN B 112 14.12 1.51 -16.35
N PHE B 113 14.39 0.46 -17.13
CA PHE B 113 15.11 0.64 -18.39
C PHE B 113 14.33 1.53 -19.37
N LEU B 114 12.99 1.36 -19.44
CA LEU B 114 12.17 2.20 -20.30
C LEU B 114 12.20 3.67 -19.86
N ARG B 115 12.08 3.92 -18.53
CA ARG B 115 12.06 5.26 -17.91
C ARG B 115 13.39 5.98 -18.08
N ILE B 116 14.50 5.26 -17.89
CA ILE B 116 15.85 5.80 -18.01
C ILE B 116 16.17 6.08 -19.49
N SER B 117 15.63 5.27 -20.44
CA SER B 117 15.84 5.44 -21.88
C SER B 117 15.31 6.78 -22.38
N LYS B 118 14.15 7.23 -21.83
CA LYS B 118 13.59 8.48 -22.27
C LYS B 118 12.99 9.24 -21.11
N SER B 119 13.78 10.13 -20.51
CA SER B 119 13.30 10.97 -19.41
C SER B 119 12.12 11.85 -19.91
N LYS B 120 11.19 12.20 -19.02
CA LYS B 120 10.08 13.10 -19.37
C LYS B 120 10.63 14.52 -19.46
N ASP B 121 11.76 14.81 -18.77
CA ASP B 121 12.45 16.09 -18.90
C ASP B 121 13.26 15.95 -20.18
N GLU B 122 12.82 16.63 -21.23
CA GLU B 122 13.43 16.59 -22.56
C GLU B 122 14.87 17.13 -22.64
N LYS B 123 15.32 17.91 -21.63
CA LYS B 123 16.68 18.47 -21.61
C LYS B 123 17.72 17.48 -21.01
N LEU B 124 17.26 16.47 -20.21
CA LEU B 124 18.21 15.47 -19.68
C LEU B 124 18.72 14.63 -20.83
N LYS B 125 19.89 14.00 -20.66
CA LYS B 125 20.42 13.12 -21.70
C LYS B 125 19.58 11.85 -21.72
N SER B 126 19.31 11.34 -22.92
CA SER B 126 18.47 10.17 -23.10
C SER B 126 18.93 9.37 -24.30
N GLN B 127 18.51 8.09 -24.39
CA GLN B 127 18.73 7.18 -25.51
C GLN B 127 17.39 6.54 -25.82
N PRO B 128 16.46 7.27 -26.49
CA PRO B 128 15.12 6.70 -26.73
C PRO B 128 15.13 5.53 -27.71
N LEU B 129 14.22 4.58 -27.49
CA LEU B 129 14.04 3.41 -28.34
C LEU B 129 13.31 3.80 -29.59
N SER B 130 13.64 3.14 -30.69
CA SER B 130 12.96 3.38 -31.95
C SER B 130 11.73 2.47 -31.99
N THR B 131 10.85 2.65 -33.00
CA THR B 131 9.67 1.81 -33.18
C THR B 131 10.09 0.32 -33.34
N LYS B 132 11.18 0.05 -34.13
CA LYS B 132 11.72 -1.29 -34.36
C LYS B 132 12.14 -1.91 -33.03
N GLN B 133 12.91 -1.18 -32.20
CA GLN B 133 13.41 -1.65 -30.90
C GLN B 133 12.27 -1.90 -29.88
N LYS B 134 11.20 -1.10 -29.94
CA LYS B 134 10.02 -1.27 -29.07
C LYS B 134 9.33 -2.61 -29.45
N VAL B 135 9.12 -2.85 -30.75
CA VAL B 135 8.50 -4.07 -31.30
C VAL B 135 9.32 -5.31 -30.91
N ALA B 136 10.65 -5.16 -30.92
CA ALA B 136 11.59 -6.23 -30.54
C ALA B 136 11.40 -6.60 -29.07
N LEU B 137 11.26 -5.61 -28.18
CA LEU B 137 11.02 -5.86 -26.75
C LEU B 137 9.68 -6.60 -26.55
N CYS B 138 8.62 -6.18 -27.27
CA CYS B 138 7.27 -6.75 -27.24
C CYS B 138 7.24 -8.18 -27.76
N THR B 139 7.93 -8.45 -28.89
CA THR B 139 8.07 -9.79 -29.46
C THR B 139 8.66 -10.77 -28.44
N GLN B 140 9.73 -10.37 -27.75
CA GLN B 140 10.41 -11.20 -26.77
C GLN B 140 9.53 -11.56 -25.60
N VAL B 141 8.72 -10.59 -25.09
CA VAL B 141 7.79 -10.88 -24.00
C VAL B 141 6.70 -11.81 -24.55
N ALA B 142 6.20 -11.58 -25.80
CA ALA B 142 5.18 -12.44 -26.44
C ALA B 142 5.69 -13.88 -26.58
N LEU B 143 6.98 -14.08 -26.93
CA LEU B 143 7.60 -15.41 -27.03
C LEU B 143 7.69 -16.14 -25.66
N GLY B 144 8.11 -15.41 -24.62
CA GLY B 144 8.21 -15.95 -23.26
C GLY B 144 6.86 -16.34 -22.71
N MET B 145 5.84 -15.50 -22.99
CA MET B 145 4.45 -15.71 -22.59
C MET B 145 3.81 -16.86 -23.40
N GLU B 146 4.20 -17.01 -24.69
CA GLU B 146 3.72 -18.12 -25.54
C GLU B 146 4.18 -19.44 -24.96
N HIS B 147 5.45 -19.54 -24.53
CA HIS B 147 6.03 -20.72 -23.91
C HIS B 147 5.34 -21.04 -22.56
N LEU B 148 5.12 -19.99 -21.74
CA LEU B 148 4.47 -20.07 -20.43
C LEU B 148 3.02 -20.57 -20.56
N SER B 149 2.22 -19.96 -21.47
CA SER B 149 0.82 -20.34 -21.68
C SER B 149 0.65 -21.71 -22.37
N ASN B 150 1.59 -22.08 -23.29
CA ASN B 150 1.58 -23.39 -23.96
C ASN B 150 1.90 -24.53 -22.98
N ASN B 151 2.54 -24.20 -21.83
CA ASN B 151 2.79 -25.12 -20.72
C ASN B 151 1.70 -25.01 -19.64
N ARG B 152 0.55 -24.38 -19.98
CA ARG B 152 -0.69 -24.21 -19.23
C ARG B 152 -0.57 -23.37 -17.94
N PHE B 153 0.40 -22.47 -17.89
CA PHE B 153 0.53 -21.61 -16.72
C PHE B 153 -0.16 -20.30 -16.94
N VAL B 154 -0.54 -19.65 -15.84
CA VAL B 154 -1.14 -18.31 -15.86
C VAL B 154 -0.26 -17.49 -14.91
N HIS B 155 0.45 -16.48 -15.45
CA HIS B 155 1.38 -15.66 -14.70
C HIS B 155 0.69 -14.85 -13.56
N LYS B 156 -0.38 -14.10 -13.90
CA LYS B 156 -1.27 -13.25 -13.05
C LYS B 156 -0.67 -11.88 -12.66
N ASP B 157 0.61 -11.62 -12.96
CA ASP B 157 1.22 -10.33 -12.64
C ASP B 157 2.21 -9.88 -13.70
N LEU B 158 1.81 -10.01 -14.98
CA LEU B 158 2.67 -9.59 -16.08
C LEU B 158 2.62 -8.06 -16.17
N ALA B 159 3.80 -7.44 -16.21
CA ALA B 159 3.95 -5.98 -16.26
C ALA B 159 5.43 -5.71 -16.50
N ALA B 160 5.74 -4.50 -17.02
CA ALA B 160 7.12 -4.13 -17.31
C ALA B 160 8.04 -4.24 -16.08
N ARG B 161 7.51 -3.90 -14.88
CA ARG B 161 8.22 -4.01 -13.61
C ARG B 161 8.65 -5.47 -13.28
N ASN B 162 7.90 -6.46 -13.83
CA ASN B 162 8.20 -7.88 -13.58
C ASN B 162 8.98 -8.58 -14.72
N CYS B 163 9.46 -7.81 -15.68
CA CYS B 163 10.31 -8.35 -16.77
C CYS B 163 11.69 -7.81 -16.55
N LEU B 164 12.69 -8.57 -16.96
CA LEU B 164 14.08 -8.17 -16.79
C LEU B 164 14.72 -7.98 -18.15
N VAL B 165 15.69 -7.07 -18.23
CA VAL B 165 16.31 -6.76 -19.51
C VAL B 165 17.84 -6.58 -19.37
N SER B 166 18.61 -7.06 -20.36
CA SER B 166 20.07 -6.87 -20.35
C SER B 166 20.41 -5.59 -21.12
N ALA B 167 21.70 -5.18 -21.10
CA ALA B 167 22.21 -4.02 -21.87
C ALA B 167 21.94 -4.19 -23.38
N GLN B 168 21.98 -5.44 -23.86
CA GLN B 168 21.71 -5.86 -25.25
C GLN B 168 20.21 -5.92 -25.59
N ARG B 169 19.33 -5.56 -24.63
CA ARG B 169 17.87 -5.57 -24.79
C ARG B 169 17.30 -7.00 -24.96
N GLN B 170 17.93 -7.98 -24.32
CA GLN B 170 17.38 -9.34 -24.31
C GLN B 170 16.42 -9.32 -23.10
N VAL B 171 15.16 -9.70 -23.32
CA VAL B 171 14.10 -9.62 -22.28
C VAL B 171 13.76 -10.98 -21.68
N LYS B 172 13.68 -11.04 -20.34
CA LYS B 172 13.24 -12.24 -19.62
C LYS B 172 12.00 -11.97 -18.73
N VAL B 173 10.89 -12.70 -18.96
CA VAL B 173 9.68 -12.64 -18.12
C VAL B 173 10.07 -13.18 -16.73
N SER B 174 9.81 -12.41 -15.67
CA SER B 174 10.12 -12.82 -14.29
C SER B 174 8.87 -12.58 -13.41
N ALA B 175 9.03 -12.51 -12.08
CA ALA B 175 7.96 -12.28 -11.13
C ALA B 175 8.62 -11.71 -9.88
N LEU B 176 8.64 -10.38 -9.75
CA LEU B 176 9.28 -9.75 -8.58
C LEU B 176 8.19 -9.31 -7.59
N GLY B 177 7.13 -8.70 -8.12
CA GLY B 177 5.99 -8.25 -7.32
C GLY B 177 6.33 -7.39 -6.11
N LEU B 178 7.07 -6.27 -6.32
CA LEU B 178 7.51 -5.38 -5.22
C LEU B 178 6.38 -4.42 -4.83
N SER B 179 5.28 -5.02 -4.38
CA SER B 179 4.04 -4.34 -4.07
C SER B 179 4.05 -3.52 -2.80
N LYS B 180 4.87 -3.86 -1.84
CA LYS B 180 4.85 -3.17 -0.54
C LYS B 180 5.59 -1.84 -0.50
N ASP B 181 6.59 -1.68 -1.37
CA ASP B 181 7.41 -0.48 -1.35
C ASP B 181 7.74 0.08 -2.73
N VAL B 182 8.76 -0.45 -3.40
CA VAL B 182 9.27 0.03 -4.69
C VAL B 182 8.16 0.32 -5.69
N TYR B 183 7.30 -0.65 -5.94
CA TYR B 183 6.23 -0.49 -6.91
C TYR B 183 4.87 -0.45 -6.25
N ASN B 184 4.80 0.05 -5.00
CA ASN B 184 3.52 0.15 -4.28
C ASN B 184 2.45 0.98 -5.04
N SER B 185 2.87 1.96 -5.86
CA SER B 185 1.94 2.78 -6.65
C SER B 185 1.26 1.95 -7.78
N GLU B 186 1.84 0.78 -8.12
CA GLU B 186 1.32 -0.07 -9.18
C GLU B 186 0.39 -1.20 -8.67
N TYR B 187 0.15 -1.23 -7.35
CA TYR B 187 -0.73 -2.19 -6.71
C TYR B 187 -1.80 -1.48 -5.93
N TYR B 188 -2.95 -2.13 -5.81
CA TYR B 188 -4.14 -1.61 -5.15
C TYR B 188 -4.62 -2.58 -4.08
N HIS B 189 -4.93 -2.03 -2.90
CA HIS B 189 -5.37 -2.80 -1.74
C HIS B 189 -6.83 -3.19 -1.89
N PHE B 190 -7.04 -4.40 -2.41
CA PHE B 190 -8.36 -4.90 -2.75
C PHE B 190 -8.60 -6.23 -2.09
N ARG B 191 -9.63 -6.29 -1.24
CA ARG B 191 -10.03 -7.51 -0.50
C ARG B 191 -8.86 -8.15 0.22
N GLN B 192 -8.12 -7.31 0.96
CA GLN B 192 -6.97 -7.68 1.81
C GLN B 192 -5.81 -8.36 1.01
N ALA B 193 -5.59 -7.88 -0.21
CA ALA B 193 -4.48 -8.32 -1.06
C ALA B 193 -4.06 -7.13 -1.90
N TRP B 194 -2.82 -7.10 -2.34
CA TRP B 194 -2.34 -6.03 -3.20
C TRP B 194 -2.37 -6.57 -4.63
N VAL B 195 -3.24 -5.99 -5.45
CA VAL B 195 -3.52 -6.47 -6.80
C VAL B 195 -3.05 -5.47 -7.87
N PRO B 196 -2.49 -5.98 -8.98
CA PRO B 196 -1.97 -5.08 -10.05
C PRO B 196 -3.09 -4.50 -10.90
N LEU B 197 -3.98 -3.70 -10.29
CA LEU B 197 -5.22 -3.14 -10.86
C LEU B 197 -5.13 -2.66 -12.33
N ARG B 198 -4.17 -1.78 -12.63
CA ARG B 198 -4.03 -1.12 -13.93
C ARG B 198 -3.64 -2.08 -15.07
N TRP B 199 -3.29 -3.34 -14.73
CA TRP B 199 -2.91 -4.39 -15.68
C TRP B 199 -3.97 -5.52 -15.72
N MET B 200 -5.05 -5.39 -14.94
CA MET B 200 -6.07 -6.46 -14.80
C MET B 200 -7.28 -6.33 -15.68
N SER B 201 -7.70 -7.47 -16.26
CA SER B 201 -8.95 -7.50 -17.05
C SER B 201 -10.13 -7.42 -16.06
N PRO B 202 -11.34 -7.01 -16.50
CA PRO B 202 -12.48 -6.95 -15.56
C PRO B 202 -12.75 -8.28 -14.85
N GLU B 203 -12.71 -9.42 -15.57
CA GLU B 203 -13.00 -10.72 -14.94
C GLU B 203 -11.92 -11.15 -13.93
N ALA B 204 -10.62 -10.78 -14.15
CA ALA B 204 -9.55 -11.14 -13.23
C ALA B 204 -9.73 -10.44 -11.85
N ILE B 205 -10.06 -9.14 -11.83
CA ILE B 205 -10.17 -8.45 -10.54
C ILE B 205 -11.56 -8.68 -9.88
N LEU B 206 -12.64 -8.42 -10.63
CA LEU B 206 -14.03 -8.55 -10.20
C LEU B 206 -14.48 -9.99 -9.84
N GLU B 207 -13.92 -11.03 -10.50
CA GLU B 207 -14.35 -12.42 -10.25
C GLU B 207 -13.25 -13.39 -9.82
N GLY B 208 -11.99 -12.95 -9.85
CA GLY B 208 -10.86 -13.82 -9.50
C GLY B 208 -10.65 -14.91 -10.54
N ASP B 209 -11.08 -14.61 -11.78
CA ASP B 209 -11.06 -15.45 -12.98
C ASP B 209 -9.79 -15.19 -13.79
N PHE B 210 -8.68 -15.79 -13.35
CA PHE B 210 -7.41 -15.68 -14.04
C PHE B 210 -7.34 -16.75 -15.11
N SER B 211 -6.90 -16.35 -16.32
CA SER B 211 -6.73 -17.28 -17.43
C SER B 211 -5.61 -16.77 -18.33
N THR B 212 -5.21 -17.56 -19.36
CA THR B 212 -4.18 -17.08 -20.28
C THR B 212 -4.70 -15.80 -20.95
N LYS B 213 -6.03 -15.67 -21.05
CA LYS B 213 -6.72 -14.52 -21.64
C LYS B 213 -6.69 -13.26 -20.75
N SER B 214 -6.52 -13.43 -19.41
CA SER B 214 -6.32 -12.28 -18.52
C SER B 214 -4.81 -11.91 -18.56
N ASP B 215 -3.93 -12.87 -18.89
CA ASP B 215 -2.50 -12.59 -19.07
C ASP B 215 -2.31 -11.82 -20.40
N VAL B 216 -3.19 -12.08 -21.39
CA VAL B 216 -3.19 -11.40 -22.70
C VAL B 216 -3.57 -9.94 -22.49
N TRP B 217 -4.53 -9.68 -21.58
CA TRP B 217 -4.95 -8.32 -21.27
C TRP B 217 -3.76 -7.54 -20.72
N ALA B 218 -3.04 -8.14 -19.75
CA ALA B 218 -1.86 -7.59 -19.07
C ALA B 218 -0.74 -7.34 -20.10
N PHE B 219 -0.58 -8.25 -21.09
CA PHE B 219 0.40 -8.09 -22.15
C PHE B 219 0.09 -6.84 -22.99
N GLY B 220 -1.16 -6.63 -23.36
CA GLY B 220 -1.60 -5.42 -24.06
C GLY B 220 -1.15 -4.17 -23.30
N VAL B 221 -1.30 -4.20 -21.95
CA VAL B 221 -0.87 -3.10 -21.08
C VAL B 221 0.66 -2.96 -21.07
N LEU B 222 1.38 -4.07 -20.98
CA LEU B 222 2.83 -4.06 -21.04
C LEU B 222 3.30 -3.43 -22.38
N MET B 223 2.64 -3.77 -23.49
CA MET B 223 2.98 -3.22 -24.82
C MET B 223 2.84 -1.71 -24.79
N TRP B 224 1.77 -1.22 -24.12
CA TRP B 224 1.49 0.20 -23.95
C TRP B 224 2.60 0.84 -23.12
N GLU B 225 3.08 0.15 -22.07
CA GLU B 225 4.18 0.66 -21.24
C GLU B 225 5.43 0.82 -22.11
N VAL B 226 5.74 -0.19 -22.94
CA VAL B 226 6.90 -0.16 -23.85
C VAL B 226 6.82 1.07 -24.75
N PHE B 227 5.69 1.22 -25.49
CA PHE B 227 5.52 2.31 -26.44
C PHE B 227 5.46 3.71 -25.78
N THR B 228 5.24 3.81 -24.46
CA THR B 228 5.23 5.15 -23.81
C THR B 228 6.51 5.38 -23.00
N HIS B 229 7.51 4.49 -23.10
CA HIS B 229 8.75 4.52 -22.29
C HIS B 229 8.42 4.48 -20.78
N GLY B 230 7.52 3.59 -20.41
CA GLY B 230 7.18 3.36 -19.01
C GLY B 230 6.29 4.38 -18.33
N GLU B 231 5.28 4.90 -19.02
CA GLU B 231 4.33 5.78 -18.35
C GLU B 231 3.37 4.88 -17.55
N MET B 232 2.78 5.44 -16.49
CA MET B 232 1.81 4.74 -15.64
C MET B 232 0.48 4.59 -16.44
N PRO B 233 -0.07 3.37 -16.67
CA PRO B 233 -1.38 3.27 -17.35
C PRO B 233 -2.42 4.04 -16.52
N HIS B 234 -3.21 4.91 -17.19
CA HIS B 234 -4.22 5.79 -16.54
C HIS B 234 -3.59 6.66 -15.45
N GLY B 235 -2.36 7.12 -15.66
CA GLY B 235 -1.63 7.97 -14.70
C GLY B 235 -2.41 9.24 -14.39
N GLY B 236 -2.39 9.67 -13.14
CA GLY B 236 -3.16 10.84 -12.75
C GLY B 236 -4.56 10.52 -12.26
N GLN B 237 -5.13 9.37 -12.71
CA GLN B 237 -6.42 8.85 -12.30
C GLN B 237 -6.20 7.97 -11.06
N ALA B 238 -7.00 8.20 -10.00
CA ALA B 238 -6.94 7.45 -8.76
C ALA B 238 -7.45 6.03 -8.97
N ASP B 239 -6.88 5.06 -8.22
CA ASP B 239 -7.21 3.64 -8.28
C ASP B 239 -8.70 3.35 -8.31
N ASP B 240 -9.43 4.03 -7.44
CA ASP B 240 -10.87 3.94 -7.25
C ASP B 240 -11.59 4.35 -8.55
N GLU B 241 -11.09 5.37 -9.24
CA GLU B 241 -11.69 5.76 -10.53
C GLU B 241 -11.28 4.83 -11.68
N VAL B 242 -10.06 4.25 -11.60
CA VAL B 242 -9.60 3.26 -12.58
C VAL B 242 -10.53 2.02 -12.50
N LEU B 243 -10.78 1.52 -11.27
CA LEU B 243 -11.67 0.35 -11.11
C LEU B 243 -13.11 0.61 -11.59
N ALA B 244 -13.70 1.77 -11.23
CA ALA B 244 -15.04 2.17 -11.69
C ALA B 244 -15.11 2.23 -13.24
N ASP B 245 -14.06 2.75 -13.92
CA ASP B 245 -14.02 2.80 -15.38
C ASP B 245 -13.91 1.38 -15.99
N LEU B 246 -13.07 0.52 -15.40
CA LEU B 246 -12.85 -0.86 -15.81
C LEU B 246 -14.14 -1.69 -15.75
N GLN B 247 -14.90 -1.55 -14.65
CA GLN B 247 -16.19 -2.22 -14.40
C GLN B 247 -17.24 -1.76 -15.43
N ALA B 248 -17.23 -0.46 -15.79
CA ALA B 248 -18.14 0.16 -16.73
C ALA B 248 -17.75 -0.02 -18.21
N GLY B 249 -16.65 -0.75 -18.46
CA GLY B 249 -16.10 -0.98 -19.80
C GLY B 249 -15.63 0.30 -20.48
N LYS B 250 -15.13 1.26 -19.66
CA LYS B 250 -14.65 2.58 -20.07
C LYS B 250 -13.11 2.70 -20.10
N ALA B 251 -12.39 1.59 -19.82
CA ALA B 251 -10.92 1.59 -19.81
C ALA B 251 -10.37 1.63 -21.26
N ARG B 252 -9.91 2.83 -21.66
CA ARG B 252 -9.41 3.11 -23.00
C ARG B 252 -8.01 3.70 -22.95
N LEU B 253 -6.95 2.85 -22.80
CA LEU B 253 -5.57 3.37 -22.84
C LEU B 253 -5.35 4.00 -24.23
N PRO B 254 -4.89 5.27 -24.31
CA PRO B 254 -4.77 5.93 -25.61
C PRO B 254 -3.58 5.48 -26.48
N GLN B 255 -3.71 5.66 -27.81
CA GLN B 255 -2.65 5.32 -28.74
C GLN B 255 -1.40 6.12 -28.44
N PRO B 256 -0.29 5.46 -28.07
CA PRO B 256 0.93 6.22 -27.76
C PRO B 256 1.48 6.91 -29.00
N GLU B 257 2.10 8.10 -28.82
CA GLU B 257 2.72 8.83 -29.93
C GLU B 257 3.86 7.95 -30.48
N GLY B 258 3.87 7.75 -31.80
CA GLY B 258 4.87 6.91 -32.46
C GLY B 258 4.54 5.43 -32.52
N CYS B 259 3.30 5.05 -32.11
CA CYS B 259 2.85 3.67 -32.17
C CYS B 259 2.01 3.47 -33.44
N PRO B 260 2.40 2.54 -34.36
CA PRO B 260 1.62 2.36 -35.59
C PRO B 260 0.18 1.86 -35.35
N SER B 261 -0.78 2.29 -36.20
CA SER B 261 -2.20 1.94 -36.09
C SER B 261 -2.48 0.44 -35.98
N LYS B 262 -1.81 -0.39 -36.80
CA LYS B 262 -2.00 -1.85 -36.79
C LYS B 262 -1.58 -2.50 -35.46
N LEU B 263 -0.47 -2.02 -34.84
CA LEU B 263 -0.01 -2.49 -33.53
C LEU B 263 -0.87 -1.98 -32.36
N TYR B 264 -1.44 -0.77 -32.47
CA TYR B 264 -2.37 -0.29 -31.45
C TYR B 264 -3.69 -1.09 -31.56
N ARG B 265 -4.06 -1.53 -32.78
CA ARG B 265 -5.25 -2.36 -32.98
C ARG B 265 -5.05 -3.72 -32.32
N LEU B 266 -3.82 -4.23 -32.35
CA LEU B 266 -3.47 -5.49 -31.68
C LEU B 266 -3.59 -5.32 -30.15
N MET B 267 -3.06 -4.20 -29.58
CA MET B 267 -3.19 -3.85 -28.15
C MET B 267 -4.67 -3.85 -27.77
N GLN B 268 -5.51 -3.20 -28.60
CA GLN B 268 -6.95 -3.07 -28.37
C GLN B 268 -7.67 -4.40 -28.35
N ARG B 269 -7.25 -5.36 -29.21
CA ARG B 269 -7.83 -6.72 -29.21
C ARG B 269 -7.53 -7.46 -27.89
N CYS B 270 -6.37 -7.15 -27.27
CA CYS B 270 -5.93 -7.71 -25.98
C CYS B 270 -6.88 -7.25 -24.89
N TRP B 271 -7.54 -6.09 -25.10
CA TRP B 271 -8.48 -5.48 -24.14
C TRP B 271 -9.94 -5.72 -24.50
N ALA B 272 -10.26 -6.73 -25.33
CA ALA B 272 -11.68 -7.02 -25.65
C ALA B 272 -12.37 -7.47 -24.34
N LEU B 273 -13.62 -6.99 -24.12
CA LEU B 273 -14.40 -7.34 -22.93
C LEU B 273 -14.50 -8.85 -22.75
N SER B 274 -14.75 -9.57 -23.85
CA SER B 274 -14.82 -11.02 -23.84
C SER B 274 -13.42 -11.66 -23.98
N PRO B 275 -12.99 -12.46 -22.99
CA PRO B 275 -11.70 -13.17 -23.08
C PRO B 275 -11.53 -14.03 -24.33
N LYS B 276 -12.65 -14.63 -24.87
CA LYS B 276 -12.69 -15.42 -26.11
C LYS B 276 -12.27 -14.58 -27.33
N ASP B 277 -12.64 -13.28 -27.34
CA ASP B 277 -12.31 -12.35 -28.43
C ASP B 277 -10.85 -11.88 -28.42
N ARG B 278 -10.13 -12.09 -27.31
CA ARG B 278 -8.73 -11.66 -27.20
C ARG B 278 -7.84 -12.64 -27.91
N PRO B 279 -6.74 -12.20 -28.56
CA PRO B 279 -5.88 -13.16 -29.24
C PRO B 279 -5.14 -14.09 -28.28
N SER B 280 -4.69 -15.26 -28.76
CA SER B 280 -3.89 -16.16 -27.93
C SER B 280 -2.47 -15.59 -28.00
N PHE B 281 -1.53 -16.00 -27.14
CA PHE B 281 -0.15 -15.50 -27.26
C PHE B 281 0.52 -15.86 -28.60
N SER B 282 0.18 -17.07 -29.17
CA SER B 282 0.63 -17.53 -30.48
C SER B 282 0.23 -16.50 -31.55
N GLU B 283 -1.08 -16.08 -31.57
CA GLU B 283 -1.57 -15.09 -32.55
C GLU B 283 -0.87 -13.76 -32.39
N ILE B 284 -0.57 -13.35 -31.12
CA ILE B 284 0.16 -12.12 -30.81
C ILE B 284 1.56 -12.18 -31.43
N ALA B 285 2.36 -13.23 -31.09
CA ALA B 285 3.72 -13.39 -31.64
C ALA B 285 3.72 -13.44 -33.18
N SER B 286 2.67 -14.05 -33.80
CA SER B 286 2.53 -14.14 -35.25
C SER B 286 2.28 -12.78 -35.86
N ALA B 287 1.34 -12.00 -35.26
CA ALA B 287 0.99 -10.64 -35.66
C ALA B 287 2.20 -9.72 -35.50
N LEU B 288 3.04 -9.92 -34.44
CA LEU B 288 4.22 -9.09 -34.21
C LEU B 288 5.30 -9.31 -35.27
N GLY B 289 5.38 -10.53 -35.79
CA GLY B 289 6.33 -10.90 -36.85
C GLY B 289 6.07 -10.11 -38.11
N ASP B 290 4.77 -9.85 -38.42
CA ASP B 290 4.35 -9.05 -39.58
C ASP B 290 4.95 -7.64 -39.56
N SER B 291 5.06 -7.02 -38.36
CA SER B 291 5.62 -5.67 -38.19
C SER B 291 7.12 -5.58 -38.50
N THR B 292 7.91 -6.60 -38.15
CA THR B 292 9.36 -6.57 -38.41
C THR B 292 9.60 -6.86 -39.90
N VAL B 293 9.98 -5.81 -40.64
CA VAL B 293 10.20 -5.84 -42.09
C VAL B 293 11.67 -5.63 -42.45
N MET C 16 -10.80 -18.51 10.05
CA MET C 16 -10.53 -18.83 11.44
C MET C 16 -11.05 -20.22 11.88
N HIS C 17 -10.44 -20.73 12.95
CA HIS C 17 -10.75 -21.97 13.64
C HIS C 17 -10.85 -21.58 15.11
N PHE C 18 -11.50 -20.39 15.37
CA PHE C 18 -11.70 -19.81 16.71
C PHE C 18 -12.42 -20.80 17.65
N PRO C 19 -11.88 -21.08 18.86
CA PRO C 19 -12.55 -22.06 19.72
C PRO C 19 -13.81 -21.52 20.38
N ARG C 20 -14.92 -22.22 20.13
CA ARG C 20 -16.26 -21.97 20.68
C ARG C 20 -16.19 -21.90 22.21
N SER C 21 -15.40 -22.82 22.83
CA SER C 21 -15.25 -22.91 24.29
C SER C 21 -14.71 -21.63 24.91
N SER C 22 -14.09 -20.74 24.10
CA SER C 22 -13.61 -19.46 24.63
C SER C 22 -14.71 -18.38 24.62
N LEU C 23 -15.95 -18.75 24.18
CA LEU C 23 -17.09 -17.83 24.18
C LEU C 23 -18.00 -18.05 25.39
N GLN C 24 -18.29 -16.97 26.11
CA GLN C 24 -19.22 -17.03 27.24
C GLN C 24 -20.41 -16.15 26.92
N PRO C 25 -21.56 -16.77 26.57
CA PRO C 25 -22.74 -15.97 26.17
C PRO C 25 -23.25 -15.12 27.32
N ILE C 26 -23.69 -13.91 27.02
CA ILE C 26 -24.16 -12.97 28.03
C ILE C 26 -25.66 -12.72 27.90
N THR C 27 -26.07 -12.34 26.70
CA THR C 27 -27.45 -11.98 26.43
C THR C 27 -27.75 -12.09 24.93
N THR C 28 -29.02 -12.37 24.60
CA THR C 28 -29.45 -12.42 23.21
C THR C 28 -29.84 -11.02 22.77
N LEU C 29 -29.66 -10.71 21.48
CA LEU C 29 -30.13 -9.43 20.97
C LEU C 29 -31.41 -9.67 20.21
N GLY C 30 -31.48 -10.78 19.49
CA GLY C 30 -32.68 -11.09 18.72
C GLY C 30 -32.38 -12.15 17.70
N LYS C 31 -33.35 -12.41 16.84
CA LYS C 31 -33.26 -13.42 15.81
C LYS C 31 -33.16 -12.74 14.45
N SER C 32 -32.28 -13.29 13.58
CA SER C 32 -32.09 -12.85 12.19
C SER C 32 -32.73 -13.93 11.29
N GLU C 33 -32.56 -13.80 9.95
CA GLU C 33 -33.05 -14.85 9.04
C GLU C 33 -32.19 -16.12 9.17
N PHE C 34 -30.91 -16.00 9.57
CA PHE C 34 -29.96 -17.12 9.69
C PHE C 34 -30.08 -17.90 10.99
N GLY C 35 -30.40 -17.20 12.07
CA GLY C 35 -30.44 -17.78 13.40
C GLY C 35 -30.39 -16.71 14.46
N GLU C 36 -29.64 -16.95 15.54
CA GLU C 36 -29.57 -16.01 16.65
C GLU C 36 -28.43 -14.98 16.55
N VAL C 37 -28.66 -13.83 17.15
CA VAL C 37 -27.65 -12.78 17.25
C VAL C 37 -27.51 -12.57 18.76
N PHE C 38 -26.31 -12.82 19.32
CA PHE C 38 -26.13 -12.70 20.77
C PHE C 38 -24.79 -12.08 21.14
N LEU C 39 -24.67 -11.60 22.40
CA LEU C 39 -23.42 -11.02 22.88
C LEU C 39 -22.70 -12.02 23.73
N ALA C 40 -21.38 -12.04 23.60
CA ALA C 40 -20.54 -12.95 24.38
C ALA C 40 -19.25 -12.28 24.79
N LYS C 41 -18.61 -12.81 25.84
CA LYS C 41 -17.28 -12.34 26.23
C LYS C 41 -16.34 -13.41 25.67
N ALA C 42 -15.35 -12.99 24.86
CA ALA C 42 -14.42 -13.91 24.23
C ALA C 42 -13.07 -13.81 24.97
N GLN C 43 -12.65 -14.96 25.48
CA GLN C 43 -11.42 -15.10 26.27
C GLN C 43 -10.22 -15.17 25.31
N GLY C 44 -9.28 -14.22 25.49
CA GLY C 44 -8.04 -14.12 24.72
C GLY C 44 -8.21 -14.11 23.20
N LEU C 45 -9.13 -13.25 22.70
CA LEU C 45 -9.41 -13.15 21.27
C LEU C 45 -8.53 -12.13 20.55
N GLU C 46 -8.45 -10.91 21.10
CA GLU C 46 -7.63 -9.85 20.52
C GLU C 46 -6.27 -9.84 21.22
N GLU C 47 -5.18 -9.78 20.45
CA GLU C 47 -3.82 -9.70 20.98
C GLU C 47 -3.65 -8.38 21.74
N GLY C 48 -3.25 -8.47 23.01
CA GLY C 48 -3.08 -7.31 23.88
C GLY C 48 -4.16 -7.13 24.94
N VAL C 49 -5.33 -7.80 24.77
CA VAL C 49 -6.44 -7.76 25.72
C VAL C 49 -6.81 -9.19 26.18
N ALA C 50 -7.14 -9.35 27.47
CA ALA C 50 -7.52 -10.62 28.06
C ALA C 50 -8.92 -11.07 27.68
N GLU C 51 -9.90 -10.13 27.66
CA GLU C 51 -11.30 -10.44 27.37
C GLU C 51 -11.96 -9.36 26.53
N THR C 52 -12.70 -9.78 25.50
CA THR C 52 -13.39 -8.89 24.56
C THR C 52 -14.90 -9.16 24.50
N LEU C 53 -15.70 -8.10 24.52
CA LEU C 53 -17.13 -8.17 24.30
C LEU C 53 -17.34 -8.28 22.76
N VAL C 54 -17.96 -9.38 22.32
CA VAL C 54 -18.19 -9.67 20.90
C VAL C 54 -19.67 -9.91 20.61
N LEU C 55 -20.04 -9.78 19.32
CA LEU C 55 -21.37 -10.08 18.79
C LEU C 55 -21.17 -11.38 18.03
N VAL C 56 -22.08 -12.30 18.25
CA VAL C 56 -22.03 -13.60 17.63
C VAL C 56 -23.30 -13.77 16.80
N LYS C 57 -23.15 -14.22 15.53
CA LYS C 57 -24.26 -14.53 14.65
C LYS C 57 -24.22 -16.02 14.42
N SER C 58 -25.27 -16.74 14.81
CA SER C 58 -25.30 -18.20 14.63
C SER C 58 -26.12 -18.58 13.38
N LEU C 59 -25.73 -19.67 12.74
CA LEU C 59 -26.44 -20.18 11.58
C LEU C 59 -27.26 -21.39 12.02
N GLN C 60 -28.52 -21.16 12.32
CA GLN C 60 -29.47 -22.19 12.78
C GLN C 60 -30.32 -22.68 11.63
N SER C 61 -30.43 -21.87 10.57
CA SER C 61 -31.21 -22.22 9.37
C SER C 61 -30.59 -23.36 8.60
N LYS C 62 -31.45 -24.28 8.14
CA LYS C 62 -31.05 -25.42 7.32
C LYS C 62 -31.19 -25.10 5.82
N ASP C 63 -31.91 -24.02 5.47
CA ASP C 63 -32.13 -23.59 4.08
C ASP C 63 -30.83 -23.19 3.38
N GLU C 64 -30.56 -23.77 2.20
CA GLU C 64 -29.35 -23.51 1.42
C GLU C 64 -29.17 -21.99 1.12
N GLN C 65 -30.27 -21.24 0.89
CA GLN C 65 -30.09 -19.81 0.65
C GLN C 65 -29.46 -19.08 1.86
N GLN C 66 -29.93 -19.41 3.07
CA GLN C 66 -29.45 -18.84 4.33
C GLN C 66 -28.01 -19.22 4.59
N GLN C 67 -27.65 -20.49 4.29
CA GLN C 67 -26.26 -20.95 4.45
C GLN C 67 -25.30 -20.15 3.56
N LEU C 68 -25.72 -19.87 2.31
CA LEU C 68 -24.97 -19.06 1.34
C LEU C 68 -24.83 -17.60 1.79
N ASP C 69 -25.94 -16.97 2.20
CA ASP C 69 -26.01 -15.58 2.68
C ASP C 69 -25.14 -15.39 3.93
N PHE C 70 -25.16 -16.38 4.85
CA PHE C 70 -24.32 -16.34 6.07
C PHE C 70 -22.83 -16.34 5.64
N ARG C 71 -22.47 -17.26 4.74
CA ARG C 71 -21.12 -17.39 4.19
C ARG C 71 -20.68 -16.13 3.42
N ARG C 72 -21.60 -15.44 2.71
CA ARG C 72 -21.34 -14.19 1.95
C ARG C 72 -20.93 -13.09 2.93
N GLU C 73 -21.68 -12.98 4.02
CA GLU C 73 -21.49 -11.96 5.03
C GLU C 73 -20.16 -12.12 5.77
N LEU C 74 -19.83 -13.35 6.20
CA LEU C 74 -18.54 -13.56 6.87
C LEU C 74 -17.37 -13.35 5.89
N GLU C 75 -17.55 -13.69 4.59
CA GLU C 75 -16.54 -13.47 3.56
C GLU C 75 -16.31 -11.97 3.36
N MET C 76 -17.40 -11.17 3.35
CA MET C 76 -17.38 -9.71 3.20
C MET C 76 -16.61 -9.05 4.36
N PHE C 77 -17.05 -9.27 5.63
CA PHE C 77 -16.37 -8.68 6.79
C PHE C 77 -14.91 -9.14 6.90
N GLY C 78 -14.66 -10.39 6.53
CA GLY C 78 -13.33 -11.00 6.52
C GLY C 78 -12.38 -10.39 5.50
N LYS C 79 -12.93 -9.74 4.43
CA LYS C 79 -12.11 -9.11 3.37
C LYS C 79 -12.05 -7.58 3.48
N LEU C 80 -12.55 -7.05 4.59
CA LEU C 80 -12.56 -5.61 4.89
C LEU C 80 -11.74 -5.36 6.17
N ASN C 81 -11.21 -4.14 6.33
CA ASN C 81 -10.41 -3.72 7.50
C ASN C 81 -10.36 -2.20 7.51
N HIS C 82 -11.28 -1.60 8.27
CA HIS C 82 -11.46 -0.15 8.34
C HIS C 82 -12.07 0.17 9.68
N ALA C 83 -11.73 1.33 10.24
CA ALA C 83 -12.25 1.78 11.54
C ALA C 83 -13.78 1.90 11.57
N ASN C 84 -14.44 2.11 10.40
CA ASN C 84 -15.89 2.29 10.38
C ASN C 84 -16.68 1.09 9.87
N VAL C 85 -16.07 -0.10 9.87
CA VAL C 85 -16.70 -1.38 9.53
C VAL C 85 -16.26 -2.34 10.63
N VAL C 86 -17.21 -3.12 11.19
CA VAL C 86 -16.91 -4.13 12.21
C VAL C 86 -15.98 -5.18 11.66
N ARG C 87 -14.96 -5.53 12.43
CA ARG C 87 -14.02 -6.57 12.00
C ARG C 87 -14.63 -7.96 12.19
N LEU C 88 -14.29 -8.90 11.32
CA LEU C 88 -14.60 -10.30 11.49
C LEU C 88 -13.49 -10.80 12.46
N LEU C 89 -13.85 -11.15 13.69
CA LEU C 89 -12.87 -11.58 14.69
C LEU C 89 -12.63 -13.08 14.73
N GLY C 90 -13.59 -13.87 14.24
CA GLY C 90 -13.47 -15.32 14.21
C GLY C 90 -14.65 -16.06 13.60
N LEU C 91 -14.42 -17.33 13.29
CA LEU C 91 -15.40 -18.28 12.77
C LEU C 91 -15.29 -19.60 13.54
N CYS C 92 -16.45 -20.23 13.82
CA CYS C 92 -16.59 -21.54 14.49
C CYS C 92 -17.45 -22.38 13.54
N ARG C 93 -16.84 -23.12 12.62
CA ARG C 93 -17.57 -23.96 11.67
C ARG C 93 -17.24 -25.46 11.88
N GLU C 94 -16.61 -25.79 13.02
CA GLU C 94 -16.26 -27.17 13.37
C GLU C 94 -17.47 -28.01 13.85
N ALA C 95 -18.54 -27.35 14.34
CA ALA C 95 -19.76 -28.00 14.87
C ALA C 95 -21.01 -27.37 14.26
N GLU C 96 -22.07 -28.20 14.08
CA GLU C 96 -23.35 -27.90 13.41
C GLU C 96 -23.82 -26.44 13.56
N PRO C 97 -24.04 -25.78 14.73
CA PRO C 97 -24.44 -24.37 14.67
C PRO C 97 -23.22 -23.46 14.44
N HIS C 98 -22.95 -23.07 13.18
CA HIS C 98 -21.82 -22.20 12.85
C HIS C 98 -21.97 -20.84 13.49
N TYR C 99 -20.86 -20.27 13.97
CA TYR C 99 -20.84 -18.95 14.59
C TYR C 99 -19.95 -18.03 13.79
N MET C 100 -20.42 -16.81 13.61
CA MET C 100 -19.69 -15.73 13.00
C MET C 100 -19.46 -14.76 14.15
N VAL C 101 -18.20 -14.49 14.45
CA VAL C 101 -17.82 -13.64 15.56
C VAL C 101 -17.35 -12.31 15.05
N LEU C 102 -18.10 -11.26 15.39
CA LEU C 102 -17.88 -9.89 14.96
C LEU C 102 -17.53 -8.94 16.08
N GLU C 103 -16.84 -7.87 15.68
CA GLU C 103 -16.46 -6.80 16.57
C GLU C 103 -17.75 -6.09 17.04
N TYR C 104 -17.79 -5.74 18.32
CA TYR C 104 -18.97 -5.08 18.87
C TYR C 104 -18.53 -3.74 19.51
N VAL C 105 -19.46 -3.00 20.10
CA VAL C 105 -19.20 -1.71 20.75
C VAL C 105 -19.74 -1.76 22.19
N ASP C 106 -19.62 -0.66 22.92
CA ASP C 106 -20.21 -0.66 24.25
C ASP C 106 -21.72 -0.30 24.15
N LEU C 107 -22.00 0.93 23.69
CA LEU C 107 -23.32 1.54 23.60
C LEU C 107 -24.41 0.75 22.84
N GLY C 108 -24.10 0.25 21.64
CA GLY C 108 -25.07 -0.48 20.83
C GLY C 108 -25.35 0.13 19.47
N ASP C 109 -26.49 -0.25 18.86
CA ASP C 109 -26.85 0.21 17.52
C ASP C 109 -27.16 1.71 17.50
N LEU C 110 -26.95 2.31 16.31
CA LEU C 110 -27.12 3.75 16.06
C LEU C 110 -28.57 4.21 16.20
N LYS C 111 -29.54 3.36 15.86
CA LYS C 111 -30.96 3.75 15.96
C LYS C 111 -31.32 4.08 17.42
N GLN C 112 -30.95 3.17 18.36
CA GLN C 112 -31.14 3.28 19.81
C GLN C 112 -30.52 4.58 20.32
N PHE C 113 -29.29 4.88 19.85
CA PHE C 113 -28.55 6.11 20.17
C PHE C 113 -29.27 7.38 19.78
N LEU C 114 -29.87 7.42 18.57
CA LEU C 114 -30.57 8.60 18.07
C LEU C 114 -31.88 8.82 18.83
N ARG C 115 -32.55 7.73 19.23
CA ARG C 115 -33.80 7.78 19.99
C ARG C 115 -33.57 8.29 21.41
N ILE C 116 -32.53 7.77 22.09
CA ILE C 116 -32.11 8.16 23.45
C ILE C 116 -31.72 9.67 23.48
N SER C 117 -30.94 10.13 22.47
CA SER C 117 -30.49 11.52 22.32
C SER C 117 -31.66 12.51 22.38
N LYS C 118 -32.66 12.35 21.49
CA LYS C 118 -33.89 13.17 21.40
C LYS C 118 -35.05 12.27 20.97
N LEU C 129 -28.49 16.51 19.84
CA LEU C 129 -27.27 16.53 19.02
C LEU C 129 -27.23 17.74 18.09
N SER C 130 -26.02 18.31 17.90
CA SER C 130 -25.83 19.44 17.00
C SER C 130 -25.74 18.96 15.54
N THR C 131 -25.91 19.90 14.58
CA THR C 131 -25.82 19.63 13.15
C THR C 131 -24.41 19.10 12.81
N LYS C 132 -23.36 19.72 13.39
CA LYS C 132 -21.96 19.30 13.20
C LYS C 132 -21.72 17.85 13.65
N GLN C 133 -22.41 17.44 14.73
CA GLN C 133 -22.35 16.08 15.31
C GLN C 133 -23.14 15.09 14.44
N LYS C 134 -24.27 15.54 13.86
CA LYS C 134 -25.11 14.71 13.00
C LYS C 134 -24.33 14.35 11.74
N VAL C 135 -23.69 15.36 11.12
CA VAL C 135 -22.82 15.26 9.93
C VAL C 135 -21.69 14.25 10.22
N ALA C 136 -21.01 14.38 11.37
CA ALA C 136 -19.91 13.49 11.76
C ALA C 136 -20.34 12.02 11.85
N LEU C 137 -21.58 11.75 12.30
CA LEU C 137 -22.14 10.40 12.36
C LEU C 137 -22.29 9.88 10.91
N CYS C 138 -22.86 10.72 10.03
CA CYS C 138 -23.10 10.43 8.59
C CYS C 138 -21.79 10.21 7.82
N THR C 139 -20.76 11.00 8.13
CA THR C 139 -19.43 10.93 7.53
C THR C 139 -18.75 9.60 7.81
N GLN C 140 -18.85 9.13 9.06
CA GLN C 140 -18.26 7.85 9.46
C GLN C 140 -18.95 6.68 8.77
N VAL C 141 -20.30 6.76 8.61
CA VAL C 141 -21.04 5.71 7.91
C VAL C 141 -20.60 5.73 6.44
N ALA C 142 -20.51 6.95 5.83
CA ALA C 142 -20.06 7.12 4.45
C ALA C 142 -18.65 6.59 4.22
N LEU C 143 -17.72 6.80 5.17
CA LEU C 143 -16.35 6.31 5.05
C LEU C 143 -16.27 4.79 5.07
N GLY C 144 -17.06 4.16 5.94
CA GLY C 144 -17.15 2.71 6.02
C GLY C 144 -17.76 2.14 4.76
N MET C 145 -18.82 2.79 4.26
CA MET C 145 -19.52 2.38 3.04
C MET C 145 -18.63 2.58 1.81
N GLU C 146 -17.80 3.64 1.82
CA GLU C 146 -16.80 3.86 0.77
C GLU C 146 -15.82 2.69 0.75
N HIS C 147 -15.37 2.20 1.94
CA HIS C 147 -14.45 1.05 2.04
C HIS C 147 -15.12 -0.23 1.53
N LEU C 148 -16.34 -0.53 2.01
CA LEU C 148 -17.11 -1.71 1.56
C LEU C 148 -17.32 -1.66 0.03
N SER C 149 -17.79 -0.52 -0.52
CA SER C 149 -18.01 -0.39 -1.97
C SER C 149 -16.71 -0.37 -2.79
N ASN C 150 -15.60 0.19 -2.27
CA ASN C 150 -14.29 0.15 -2.96
C ASN C 150 -13.89 -1.32 -3.17
N ASN C 151 -14.24 -2.19 -2.22
CA ASN C 151 -13.93 -3.63 -2.30
C ASN C 151 -15.01 -4.43 -3.03
N ARG C 152 -15.91 -3.70 -3.70
CA ARG C 152 -16.99 -4.19 -4.53
C ARG C 152 -17.94 -5.13 -3.78
N PHE C 153 -18.28 -4.74 -2.55
CA PHE C 153 -19.30 -5.47 -1.79
C PHE C 153 -20.56 -4.66 -1.80
N VAL C 154 -21.70 -5.35 -1.69
CA VAL C 154 -23.01 -4.72 -1.62
C VAL C 154 -23.60 -5.12 -0.26
N HIS C 155 -23.89 -4.11 0.59
CA HIS C 155 -24.39 -4.35 1.94
C HIS C 155 -25.80 -5.03 1.91
N LYS C 156 -26.75 -4.41 1.21
CA LYS C 156 -28.15 -4.81 0.99
C LYS C 156 -29.07 -4.48 2.17
N ASP C 157 -28.50 -4.08 3.34
CA ASP C 157 -29.33 -3.74 4.49
C ASP C 157 -28.76 -2.57 5.33
N LEU C 158 -28.29 -1.51 4.68
CA LEU C 158 -27.77 -0.36 5.41
C LEU C 158 -28.96 0.39 6.02
N ALA C 159 -28.85 0.71 7.33
CA ALA C 159 -29.86 1.42 8.12
C ALA C 159 -29.24 1.70 9.46
N ALA C 160 -29.81 2.67 10.21
CA ALA C 160 -29.29 3.03 11.53
C ALA C 160 -29.23 1.84 12.50
N ARG C 161 -30.25 0.93 12.44
CA ARG C 161 -30.30 -0.27 13.26
C ARG C 161 -29.09 -1.20 13.02
N ASN C 162 -28.50 -1.13 11.82
CA ASN C 162 -27.40 -2.02 11.50
C ASN C 162 -26.04 -1.40 11.65
N CYS C 163 -25.95 -0.16 12.18
CA CYS C 163 -24.66 0.48 12.52
C CYS C 163 -24.53 0.48 14.04
N LEU C 164 -23.32 0.40 14.54
CA LEU C 164 -23.01 0.42 15.96
C LEU C 164 -22.27 1.70 16.31
N VAL C 165 -22.55 2.29 17.48
CA VAL C 165 -21.94 3.55 17.90
C VAL C 165 -21.39 3.45 19.34
N SER C 166 -20.25 4.09 19.61
CA SER C 166 -19.62 4.08 20.93
C SER C 166 -20.01 5.33 21.72
N ALA C 167 -19.49 5.45 22.96
CA ALA C 167 -19.71 6.63 23.81
C ALA C 167 -19.12 7.88 23.14
N GLN C 168 -17.94 7.73 22.48
CA GLN C 168 -17.24 8.81 21.76
C GLN C 168 -17.87 9.17 20.41
N ARG C 169 -18.96 8.48 20.04
CA ARG C 169 -19.71 8.62 18.79
C ARG C 169 -18.93 8.10 17.58
N GLN C 170 -18.07 7.08 17.80
CA GLN C 170 -17.33 6.41 16.73
C GLN C 170 -18.30 5.37 16.12
N VAL C 171 -18.65 5.51 14.83
CA VAL C 171 -19.61 4.61 14.16
C VAL C 171 -18.90 3.51 13.39
N LYS C 172 -19.50 2.31 13.45
CA LYS C 172 -19.06 1.14 12.71
C LYS C 172 -20.27 0.52 12.02
N VAL C 173 -20.14 0.27 10.72
CA VAL C 173 -21.17 -0.38 9.89
C VAL C 173 -21.11 -1.88 10.25
N SER C 174 -22.26 -2.46 10.60
CA SER C 174 -22.32 -3.88 10.94
C SER C 174 -23.46 -4.47 10.09
N ALA C 175 -23.95 -5.67 10.44
CA ALA C 175 -25.06 -6.36 9.76
C ALA C 175 -25.68 -7.30 10.79
N LEU C 176 -26.69 -6.82 11.49
CA LEU C 176 -27.38 -7.59 12.53
C LEU C 176 -28.65 -8.25 11.99
N GLY C 177 -29.42 -7.47 11.22
CA GLY C 177 -30.68 -7.88 10.61
C GLY C 177 -31.66 -8.51 11.58
N LEU C 178 -31.95 -7.82 12.71
CA LEU C 178 -32.89 -8.30 13.74
C LEU C 178 -34.31 -8.04 13.23
N SER C 179 -34.69 -8.80 12.21
CA SER C 179 -35.95 -8.69 11.47
C SER C 179 -37.09 -9.45 12.12
N LYS C 180 -36.78 -10.53 12.84
CA LYS C 180 -37.82 -11.34 13.49
C LYS C 180 -38.46 -10.70 14.71
N ASP C 181 -37.75 -9.84 15.46
CA ASP C 181 -38.31 -9.30 16.68
C ASP C 181 -38.01 -7.84 16.94
N VAL C 182 -36.78 -7.51 17.39
CA VAL C 182 -36.39 -6.15 17.75
C VAL C 182 -36.83 -5.11 16.72
N TYR C 183 -36.47 -5.34 15.44
CA TYR C 183 -36.84 -4.39 14.38
C TYR C 183 -37.74 -4.99 13.34
N ASN C 184 -38.70 -5.83 13.76
CA ASN C 184 -39.68 -6.46 12.86
C ASN C 184 -40.48 -5.43 12.06
N SER C 185 -40.75 -4.26 12.65
CA SER C 185 -41.54 -3.21 11.99
C SER C 185 -40.78 -2.50 10.85
N GLU C 186 -39.46 -2.77 10.77
CA GLU C 186 -38.58 -2.18 9.78
C GLU C 186 -38.35 -3.11 8.60
N TYR C 187 -39.02 -4.26 8.62
CA TYR C 187 -39.01 -5.25 7.57
C TYR C 187 -40.42 -5.54 7.12
N TYR C 188 -40.58 -5.76 5.82
CA TYR C 188 -41.85 -5.98 5.17
C TYR C 188 -41.79 -7.27 4.41
N HIS C 189 -42.88 -8.06 4.47
CA HIS C 189 -43.01 -9.34 3.78
C HIS C 189 -43.48 -9.07 2.34
N PHE C 190 -42.53 -8.82 1.43
CA PHE C 190 -42.82 -8.52 0.03
C PHE C 190 -42.41 -9.64 -0.90
N ARG C 191 -43.41 -10.22 -1.62
CA ARG C 191 -43.26 -11.34 -2.57
C ARG C 191 -42.49 -12.50 -1.91
N GLN C 192 -42.95 -12.86 -0.69
CA GLN C 192 -42.47 -13.93 0.21
C GLN C 192 -41.09 -13.68 0.81
N ALA C 193 -40.53 -12.49 0.57
CA ALA C 193 -39.22 -12.12 1.11
C ALA C 193 -39.30 -11.01 2.15
N TRP C 194 -38.59 -11.20 3.28
CA TRP C 194 -38.47 -10.22 4.36
C TRP C 194 -37.40 -9.23 3.96
N VAL C 195 -37.85 -8.03 3.61
CA VAL C 195 -37.06 -6.97 3.03
C VAL C 195 -37.12 -5.65 3.83
N PRO C 196 -36.01 -4.89 3.92
CA PRO C 196 -36.07 -3.58 4.60
C PRO C 196 -36.68 -2.50 3.69
N LEU C 197 -37.95 -2.71 3.31
CA LEU C 197 -38.75 -1.87 2.43
C LEU C 197 -38.43 -0.38 2.44
N ARG C 198 -38.49 0.27 3.60
CA ARG C 198 -38.34 1.72 3.73
C ARG C 198 -36.92 2.27 3.47
N TRP C 199 -35.96 1.38 3.23
CA TRP C 199 -34.56 1.75 2.93
C TRP C 199 -34.21 1.34 1.48
N MET C 200 -35.16 0.70 0.78
CA MET C 200 -34.98 0.11 -0.55
C MET C 200 -35.36 0.99 -1.72
N SER C 201 -34.43 1.03 -2.70
CA SER C 201 -34.63 1.78 -3.94
C SER C 201 -35.64 0.94 -4.73
N PRO C 202 -36.43 1.53 -5.66
CA PRO C 202 -37.39 0.71 -6.43
C PRO C 202 -36.79 -0.48 -7.17
N GLU C 203 -35.58 -0.32 -7.78
CA GLU C 203 -35.04 -1.45 -8.53
C GLU C 203 -34.60 -2.60 -7.58
N ALA C 204 -34.18 -2.26 -6.35
CA ALA C 204 -33.80 -3.31 -5.38
C ALA C 204 -35.03 -4.17 -4.98
N ILE C 205 -36.13 -3.52 -4.59
CA ILE C 205 -37.33 -4.22 -4.14
C ILE C 205 -38.15 -4.81 -5.31
N LEU C 206 -38.35 -4.06 -6.42
CA LEU C 206 -39.18 -4.54 -7.56
C LEU C 206 -38.46 -5.44 -8.55
N GLU C 207 -37.15 -5.27 -8.75
CA GLU C 207 -36.41 -6.07 -9.73
C GLU C 207 -35.35 -6.99 -9.09
N GLY C 208 -35.14 -6.91 -7.77
CA GLY C 208 -34.11 -7.69 -7.10
C GLY C 208 -32.70 -7.34 -7.58
N ASP C 209 -32.53 -6.10 -8.03
CA ASP C 209 -31.30 -5.53 -8.57
C ASP C 209 -30.63 -4.72 -7.49
N PHE C 210 -29.74 -5.37 -6.74
CA PHE C 210 -28.96 -4.73 -5.66
C PHE C 210 -27.60 -4.28 -6.21
N SER C 211 -27.08 -3.14 -5.76
CA SER C 211 -25.79 -2.65 -6.24
C SER C 211 -25.30 -1.60 -5.24
N THR C 212 -24.10 -1.04 -5.45
CA THR C 212 -23.58 0.00 -4.58
C THR C 212 -24.56 1.19 -4.63
N LYS C 213 -25.26 1.38 -5.77
CA LYS C 213 -26.24 2.44 -5.95
C LYS C 213 -27.50 2.17 -5.14
N SER C 214 -27.88 0.90 -4.95
CA SER C 214 -29.01 0.65 -4.04
C SER C 214 -28.57 0.88 -2.56
N ASP C 215 -27.26 0.69 -2.22
CA ASP C 215 -26.71 1.02 -0.88
C ASP C 215 -26.69 2.53 -0.68
N VAL C 216 -26.44 3.30 -1.77
CA VAL C 216 -26.42 4.76 -1.74
C VAL C 216 -27.83 5.31 -1.37
N TRP C 217 -28.91 4.71 -1.95
CA TRP C 217 -30.29 5.09 -1.63
C TRP C 217 -30.56 4.83 -0.16
N ALA C 218 -30.13 3.64 0.34
CA ALA C 218 -30.26 3.26 1.76
C ALA C 218 -29.51 4.22 2.67
N PHE C 219 -28.32 4.70 2.22
CA PHE C 219 -27.52 5.71 2.94
C PHE C 219 -28.27 7.04 3.04
N GLY C 220 -29.02 7.37 1.98
CA GLY C 220 -29.84 8.58 1.95
C GLY C 220 -30.86 8.52 3.08
N VAL C 221 -31.57 7.38 3.17
CA VAL C 221 -32.55 7.09 4.22
C VAL C 221 -31.88 7.10 5.61
N LEU C 222 -30.66 6.55 5.72
CA LEU C 222 -29.88 6.53 6.99
C LEU C 222 -29.62 7.97 7.45
N MET C 223 -29.20 8.86 6.53
CA MET C 223 -28.94 10.29 6.82
C MET C 223 -30.21 10.95 7.36
N TRP C 224 -31.36 10.59 6.77
CA TRP C 224 -32.69 11.09 7.13
C TRP C 224 -33.03 10.62 8.55
N GLU C 225 -32.75 9.34 8.88
CA GLU C 225 -32.94 8.76 10.23
C GLU C 225 -32.09 9.55 11.24
N VAL C 226 -30.83 9.88 10.88
CA VAL C 226 -29.91 10.64 11.73
C VAL C 226 -30.49 12.04 12.02
N PHE C 227 -30.91 12.78 10.97
CA PHE C 227 -31.45 14.12 11.12
C PHE C 227 -32.87 14.18 11.73
N THR C 228 -33.60 13.05 11.85
CA THR C 228 -34.92 13.02 12.46
C THR C 228 -34.86 12.36 13.84
N HIS C 229 -33.63 12.10 14.35
CA HIS C 229 -33.36 11.43 15.63
C HIS C 229 -34.04 10.05 15.73
N GLY C 230 -33.91 9.27 14.66
CA GLY C 230 -34.41 7.91 14.59
C GLY C 230 -35.88 7.68 14.32
N GLU C 231 -36.56 8.60 13.60
CA GLU C 231 -37.97 8.40 13.23
C GLU C 231 -38.11 7.34 12.14
N MET C 232 -39.31 6.74 12.01
CA MET C 232 -39.62 5.73 11.00
C MET C 232 -39.79 6.42 9.60
N PRO C 233 -39.07 5.95 8.55
CA PRO C 233 -39.23 6.62 7.23
C PRO C 233 -40.63 6.36 6.70
N HIS C 234 -41.34 7.44 6.30
CA HIS C 234 -42.73 7.39 5.83
C HIS C 234 -43.65 6.85 6.95
N GLY C 235 -43.43 7.35 8.17
CA GLY C 235 -44.24 6.97 9.32
C GLY C 235 -45.67 7.43 9.09
N GLY C 236 -46.62 6.54 9.34
CA GLY C 236 -48.04 6.84 9.13
C GLY C 236 -48.57 6.13 7.89
N GLN C 237 -47.66 5.89 6.93
CA GLN C 237 -48.01 5.16 5.73
C GLN C 237 -47.77 3.72 6.04
N ALA C 238 -48.72 2.87 5.66
CA ALA C 238 -48.57 1.43 5.80
C ALA C 238 -47.55 0.98 4.78
N ASP C 239 -47.02 -0.23 4.98
CA ASP C 239 -46.04 -0.86 4.11
C ASP C 239 -46.49 -0.89 2.63
N ASP C 240 -47.76 -1.30 2.36
CA ASP C 240 -48.37 -1.36 1.01
C ASP C 240 -48.33 -0.02 0.30
N GLU C 241 -48.52 1.06 1.05
CA GLU C 241 -48.51 2.40 0.51
C GLU C 241 -47.11 2.92 0.24
N VAL C 242 -46.11 2.45 1.03
CA VAL C 242 -44.73 2.84 0.80
C VAL C 242 -44.29 2.12 -0.48
N LEU C 243 -44.66 0.85 -0.63
CA LEU C 243 -44.39 0.09 -1.83
C LEU C 243 -45.04 0.73 -3.10
N ALA C 244 -46.33 1.13 -3.00
CA ALA C 244 -47.06 1.76 -4.12
C ALA C 244 -46.38 3.04 -4.58
N ASP C 245 -45.85 3.84 -3.63
CA ASP C 245 -45.11 5.06 -3.91
C ASP C 245 -43.84 4.72 -4.73
N LEU C 246 -43.16 3.61 -4.39
CA LEU C 246 -41.96 3.16 -5.10
C LEU C 246 -42.29 2.79 -6.54
N GLN C 247 -43.44 2.10 -6.74
CA GLN C 247 -43.95 1.73 -8.07
C GLN C 247 -44.35 2.95 -8.86
N ALA C 248 -44.75 4.03 -8.16
CA ALA C 248 -45.16 5.30 -8.76
C ALA C 248 -43.94 6.22 -9.02
N GLY C 249 -42.72 5.74 -8.73
CA GLY C 249 -41.48 6.49 -8.93
C GLY C 249 -41.30 7.65 -7.98
N LYS C 250 -41.90 7.56 -6.79
CA LYS C 250 -41.84 8.61 -5.78
C LYS C 250 -40.72 8.39 -4.75
N ALA C 251 -40.05 9.49 -4.35
CA ALA C 251 -38.98 9.56 -3.35
C ALA C 251 -39.21 10.90 -2.61
N ARG C 252 -40.28 10.93 -1.80
CA ARG C 252 -40.75 12.16 -1.16
C ARG C 252 -40.51 12.26 0.36
N LEU C 253 -39.35 11.75 0.87
CA LEU C 253 -39.07 11.89 2.29
C LEU C 253 -38.94 13.38 2.60
N PRO C 254 -39.66 13.90 3.63
CA PRO C 254 -39.63 15.36 3.90
C PRO C 254 -38.30 15.85 4.43
N GLN C 255 -38.02 17.16 4.30
CA GLN C 255 -36.81 17.73 4.87
C GLN C 255 -36.97 17.71 6.39
N PRO C 256 -36.10 16.99 7.13
CA PRO C 256 -36.22 16.97 8.61
C PRO C 256 -36.03 18.37 9.19
N GLU C 257 -36.73 18.69 10.29
CA GLU C 257 -36.59 20.00 10.93
C GLU C 257 -35.22 20.08 11.58
N GLY C 258 -34.45 21.11 11.21
CA GLY C 258 -33.11 21.34 11.70
C GLY C 258 -32.02 20.87 10.75
N CYS C 259 -32.43 20.31 9.59
CA CYS C 259 -31.52 19.82 8.57
C CYS C 259 -31.19 20.89 7.51
N PRO C 260 -29.89 21.19 7.25
CA PRO C 260 -29.54 22.19 6.23
C PRO C 260 -30.01 21.77 4.84
N SER C 261 -30.40 22.76 4.02
CA SER C 261 -30.91 22.57 2.66
C SER C 261 -29.94 21.79 1.76
N LYS C 262 -28.62 22.15 1.82
CA LYS C 262 -27.54 21.53 1.06
C LYS C 262 -27.45 20.01 1.33
N LEU C 263 -27.50 19.60 2.62
CA LEU C 263 -27.46 18.20 3.05
C LEU C 263 -28.72 17.45 2.66
N TYR C 264 -29.90 18.12 2.68
CA TYR C 264 -31.17 17.50 2.27
C TYR C 264 -31.17 17.24 0.76
N ARG C 265 -30.57 18.14 -0.05
CA ARG C 265 -30.45 17.98 -1.51
C ARG C 265 -29.52 16.79 -1.79
N LEU C 266 -28.48 16.60 -0.93
CA LEU C 266 -27.56 15.45 -1.03
C LEU C 266 -28.36 14.16 -0.78
N MET C 267 -29.24 14.14 0.24
CA MET C 267 -30.14 13.01 0.53
C MET C 267 -30.97 12.72 -0.72
N GLN C 268 -31.50 13.80 -1.36
CA GLN C 268 -32.35 13.71 -2.56
C GLN C 268 -31.58 13.16 -3.77
N ARG C 269 -30.28 13.48 -3.88
CA ARG C 269 -29.38 12.92 -4.91
C ARG C 269 -29.28 11.39 -4.71
N CYS C 270 -29.24 10.93 -3.42
CA CYS C 270 -29.21 9.49 -3.08
C CYS C 270 -30.49 8.82 -3.52
N TRP C 271 -31.59 9.60 -3.64
CA TRP C 271 -32.87 9.04 -4.06
C TRP C 271 -33.22 9.31 -5.52
N ALA C 272 -32.20 9.55 -6.35
CA ALA C 272 -32.41 9.71 -7.80
C ALA C 272 -33.00 8.37 -8.27
N LEU C 273 -34.13 8.38 -9.00
CA LEU C 273 -34.77 7.12 -9.39
C LEU C 273 -33.89 6.26 -10.29
N SER C 274 -33.02 6.89 -11.09
CA SER C 274 -32.09 6.11 -11.92
C SER C 274 -30.80 5.90 -11.11
N PRO C 275 -30.45 4.62 -10.82
CA PRO C 275 -29.24 4.34 -10.03
C PRO C 275 -28.00 5.05 -10.53
N LYS C 276 -27.84 5.22 -11.86
CA LYS C 276 -26.68 5.91 -12.45
C LYS C 276 -26.55 7.38 -12.02
N ASP C 277 -27.69 8.04 -11.76
CA ASP C 277 -27.72 9.44 -11.31
C ASP C 277 -27.43 9.62 -9.82
N ARG C 278 -27.40 8.52 -9.06
CA ARG C 278 -27.07 8.62 -7.63
C ARG C 278 -25.56 8.84 -7.46
N PRO C 279 -25.10 9.63 -6.46
CA PRO C 279 -23.66 9.81 -6.29
C PRO C 279 -22.99 8.57 -5.72
N SER C 280 -21.66 8.43 -5.95
CA SER C 280 -20.84 7.33 -5.39
C SER C 280 -20.60 7.65 -3.90
N PHE C 281 -20.18 6.65 -3.10
CA PHE C 281 -19.87 6.92 -1.69
C PHE C 281 -18.69 7.90 -1.53
N SER C 282 -17.71 7.90 -2.48
CA SER C 282 -16.58 8.85 -2.44
C SER C 282 -17.11 10.28 -2.53
N GLU C 283 -17.99 10.56 -3.51
CA GLU C 283 -18.61 11.88 -3.69
C GLU C 283 -19.42 12.29 -2.46
N ILE C 284 -20.16 11.33 -1.85
CA ILE C 284 -20.95 11.57 -0.64
C ILE C 284 -20.01 12.00 0.51
N ALA C 285 -18.89 11.27 0.74
CA ALA C 285 -17.92 11.55 1.80
C ALA C 285 -17.29 12.93 1.60
N SER C 286 -17.01 13.30 0.34
CA SER C 286 -16.46 14.60 -0.04
C SER C 286 -17.48 15.70 0.26
N ALA C 287 -18.76 15.50 -0.13
CA ALA C 287 -19.86 16.45 0.07
C ALA C 287 -20.21 16.70 1.53
N LEU C 288 -20.04 15.69 2.40
CA LEU C 288 -20.31 15.83 3.82
C LEU C 288 -19.18 16.64 4.48
N GLY C 289 -17.94 16.44 3.98
CA GLY C 289 -16.74 17.15 4.43
C GLY C 289 -16.75 18.65 4.16
N ASP C 290 -17.47 19.07 3.09
CA ASP C 290 -17.65 20.47 2.67
C ASP C 290 -18.37 21.27 3.76
#